data_9U51
#
_entry.id   9U51
#
_cell.length_a   1.00
_cell.length_b   1.00
_cell.length_c   1.00
_cell.angle_alpha   90.00
_cell.angle_beta   90.00
_cell.angle_gamma   90.00
#
_symmetry.space_group_name_H-M   'P 1'
#
loop_
_entity.id
_entity.type
_entity.pdbx_description
1 polymer 'Siderophore exporter MmpL5'
2 polymer 'Meromycolate extension acyl carrier protein'
#
loop_
_entity_poly.entity_id
_entity_poly.type
_entity_poly.pdbx_seq_one_letter_code
_entity_poly.pdbx_strand_id
1 'polypeptide(L)'
;MIVQRTAAPTGSVPPDRHAARPFIPRMIRTFAVPIILGWLVTIAVLNVTVPQLETVGQIQAVSMSPDAAPSMISMKHIGK
VFEEGDSDSAAMIVLEGQRPLGDAAHAFYDQMIGRLQADTTHVQSLQDFWGDPLTATGAQSSDGKAAYVQVKLAGNQGES
LANESVEAVKTIVERLAPPPGVKVYVTGSAALVADQQQAGDRSLQVIEAVTFTVIIVMLLLVYRSIITSAIMLTMVVLGL
LATRGGVAFLGFHRIIGLSTFATNLLVVLAIAAATDYAIFLIGRYQEARGLGQDRESAYYTMFGGTAHVVLGSGLTIAGA
TFCLSFTRLPYFQTLGVPLAIGMVIVVAAALTLGPAIIAVTSRFGKLLEPKRMARVRGWRKVGAAIVRWPGPILVGAVAL
ALVGLLTLPGYRTNYNDRNYLPADLPANEGYAAAERHFSQARMNPEVLMVESDHDMRNSADFLVINKIAKAIFAVEGISR
VQAITRPDGKPIEHTSIPFLISMQGTSQKLTEKYNQDLTARMLEQVNDIQSNIDQMERMHSLTQQMADVTHEMVIQMTGM
VVDVEELRNHIADFDDFFRPIRSYFYWEKHCYDIPVCWSLRSVFDTLDGIDVMTEDINNLLPLMQRLDTLMPQLTAMMPE
MIQTMKSMKAQMLSMHSTQEGLQDQMAAMQEDSAAMGEAFDASRNDDSFYLPPEVFDNPDFQRGLEQFLSPDGHAVRFII
SHEGDPMSQAGIARIAKIKTAAKEAIKGTPLEGSAIYLGGTAAMFKDLSDGNTYDLMIAGISALCLIFIIMLITTRSVVA
AAVIVGTVVLSLGASFGLSVLIWQHILGIELHWLVLAMAVIILLAVGADYNLLLVARLKEEIHAGINTGIIRAMGGSGSV
VTAAGLVFAFTMMSFAVSELTVMAQVGTTIGMGLLFDTLIVRSFMTPSIAALLGKWFWWPQVVRQRPIPQPWPSPASART
FALVAAAENLYFQGLWSHPQFEKGGGSGGGSGGSAWSHPQFEK
;
A
2 'polypeptide(L)'
;MAATQEEIIAGLAEIIEEVTGIEPSEVTPEKSFVDDLDID(4HH)LSMVEIAVQTEDKYGVKIPDEDLAGLRTVGDVVAY
IQKLEEENPEAAAALREKFAADQ
;
B
#
# COMPACT_ATOMS: atom_id res chain seq x y z
N ALA A 20 -16.23 -41.68 8.71
CA ALA A 20 -16.55 -40.82 9.84
C ALA A 20 -15.82 -39.49 9.75
N ARG A 21 -14.90 -39.40 8.80
CA ARG A 21 -14.15 -38.18 8.59
C ARG A 21 -15.03 -37.10 7.98
N PRO A 22 -14.70 -35.82 8.18
CA PRO A 22 -15.51 -34.75 7.59
C PRO A 22 -15.55 -34.83 6.08
N PHE A 23 -16.67 -34.35 5.52
CA PHE A 23 -16.97 -34.55 4.10
C PHE A 23 -15.98 -33.81 3.19
N ILE A 24 -15.76 -32.52 3.47
CA ILE A 24 -14.97 -31.70 2.55
C ILE A 24 -13.53 -32.17 2.41
N PRO A 25 -12.77 -32.40 3.50
CA PRO A 25 -11.40 -32.92 3.30
C PRO A 25 -11.37 -34.28 2.64
N ARG A 26 -12.35 -35.15 2.93
CA ARG A 26 -12.37 -36.46 2.29
C ARG A 26 -12.56 -36.33 0.78
N MET A 27 -13.49 -35.47 0.35
CA MET A 27 -13.71 -35.29 -1.08
C MET A 27 -12.52 -34.61 -1.74
N ILE A 28 -11.86 -33.69 -1.04
CA ILE A 28 -10.67 -33.06 -1.61
C ILE A 28 -9.56 -34.09 -1.79
N ARG A 29 -9.35 -34.94 -0.78
CA ARG A 29 -8.28 -35.93 -0.85
C ARG A 29 -8.55 -36.98 -1.92
N THR A 30 -9.82 -37.41 -2.06
CA THR A 30 -10.13 -38.48 -3.01
C THR A 30 -9.86 -38.06 -4.46
N PHE A 31 -10.18 -36.81 -4.80
CA PHE A 31 -10.15 -36.34 -6.19
C PHE A 31 -9.03 -35.34 -6.43
N ALA A 32 -7.84 -35.58 -5.87
CA ALA A 32 -6.75 -34.62 -5.98
C ALA A 32 -6.28 -34.46 -7.42
N VAL A 33 -6.07 -35.59 -8.11
CA VAL A 33 -5.54 -35.52 -9.48
C VAL A 33 -6.47 -34.76 -10.43
N PRO A 34 -7.78 -35.00 -10.46
CA PRO A 34 -8.64 -34.16 -11.30
C PRO A 34 -8.56 -32.69 -10.95
N ILE A 35 -8.42 -32.36 -9.66
CA ILE A 35 -8.29 -30.96 -9.27
C ILE A 35 -7.03 -30.36 -9.87
N ILE A 36 -5.91 -31.07 -9.78
CA ILE A 36 -4.65 -30.59 -10.33
C ILE A 36 -4.79 -30.37 -11.84
N LEU A 37 -5.36 -31.36 -12.53
CA LEU A 37 -5.49 -31.26 -13.98
C LEU A 37 -6.39 -30.11 -14.38
N GLY A 38 -7.51 -29.94 -13.68
CA GLY A 38 -8.41 -28.83 -13.99
C GLY A 38 -7.76 -27.48 -13.78
N TRP A 39 -7.03 -27.33 -12.67
CA TRP A 39 -6.35 -26.06 -12.41
C TRP A 39 -5.30 -25.78 -13.49
N LEU A 40 -4.53 -26.79 -13.87
CA LEU A 40 -3.53 -26.59 -14.91
C LEU A 40 -4.17 -26.20 -16.24
N VAL A 41 -5.26 -26.88 -16.61
CA VAL A 41 -5.92 -26.58 -17.87
C VAL A 41 -6.48 -25.17 -17.86
N THR A 42 -7.11 -24.78 -16.76
CA THR A 42 -7.67 -23.43 -16.67
C THR A 42 -6.57 -22.37 -16.76
N ILE A 43 -5.45 -22.59 -16.07
CA ILE A 43 -4.35 -21.63 -16.12
C ILE A 43 -3.82 -21.51 -17.54
N ALA A 44 -3.64 -22.65 -18.23
CA ALA A 44 -3.13 -22.61 -19.59
C ALA A 44 -4.08 -21.89 -20.53
N VAL A 45 -5.38 -22.17 -20.42
CA VAL A 45 -6.36 -21.53 -21.29
C VAL A 45 -6.37 -20.02 -21.05
N LEU A 46 -6.37 -19.61 -19.77
CA LEU A 46 -6.38 -18.18 -19.48
C LEU A 46 -5.13 -17.49 -20.00
N ASN A 47 -3.97 -18.13 -19.86
CA ASN A 47 -2.72 -17.49 -20.28
C ASN A 47 -2.51 -17.55 -21.79
N VAL A 48 -3.22 -18.42 -22.50
CA VAL A 48 -3.08 -18.52 -23.95
C VAL A 48 -4.10 -17.66 -24.69
N THR A 49 -5.36 -17.70 -24.27
CA THR A 49 -6.42 -17.03 -25.04
C THR A 49 -6.26 -15.51 -25.03
N VAL A 50 -6.09 -14.92 -23.86
CA VAL A 50 -6.08 -13.47 -23.73
C VAL A 50 -4.64 -12.95 -23.72
N PRO A 51 -4.40 -11.68 -24.09
CA PRO A 51 -3.03 -11.17 -24.06
C PRO A 51 -2.49 -10.98 -22.65
N GLN A 52 -1.26 -10.48 -22.55
CA GLN A 52 -0.61 -10.32 -21.26
C GLN A 52 -1.23 -9.15 -20.49
N LEU A 53 -0.88 -9.07 -19.20
CA LEU A 53 -1.45 -8.05 -18.33
C LEU A 53 -0.95 -6.66 -18.69
N GLU A 54 0.32 -6.55 -19.11
CA GLU A 54 0.89 -5.23 -19.40
C GLU A 54 0.19 -4.57 -20.57
N THR A 55 -0.11 -5.33 -21.63
CA THR A 55 -0.79 -4.74 -22.78
C THR A 55 -2.18 -4.26 -22.41
N VAL A 56 -2.92 -5.06 -21.62
CA VAL A 56 -4.25 -4.64 -21.19
C VAL A 56 -4.16 -3.39 -20.33
N GLY A 57 -3.20 -3.34 -19.42
CA GLY A 57 -3.04 -2.15 -18.60
C GLY A 57 -2.70 -0.91 -19.41
N GLN A 58 -1.89 -1.08 -20.45
CA GLN A 58 -1.56 0.05 -21.31
C GLN A 58 -2.78 0.50 -22.12
N ILE A 59 -3.61 -0.45 -22.56
CA ILE A 59 -4.77 -0.11 -23.38
C ILE A 59 -5.81 0.64 -22.57
N GLN A 60 -5.98 0.28 -21.29
CA GLN A 60 -7.10 0.73 -20.48
C GLN A 60 -6.66 1.64 -19.34
N ALA A 61 -5.77 2.59 -19.63
CA ALA A 61 -5.39 3.58 -18.62
C ALA A 61 -6.57 4.52 -18.33
N VAL A 62 -6.52 5.15 -17.16
CA VAL A 62 -7.60 6.01 -16.69
C VAL A 62 -7.07 7.43 -16.55
N SER A 63 -7.97 8.40 -16.77
CA SER A 63 -7.62 9.79 -16.62
C SER A 63 -7.39 10.13 -15.15
N MET A 64 -6.39 10.98 -14.89
CA MET A 64 -6.01 11.31 -13.52
C MET A 64 -6.85 12.42 -12.91
N SER A 65 -7.72 13.06 -13.67
CA SER A 65 -8.53 14.15 -13.16
C SER A 65 -10.01 13.81 -13.34
N PRO A 66 -10.82 13.96 -12.30
CA PRO A 66 -12.26 13.66 -12.43
C PRO A 66 -12.92 14.59 -13.43
N ASP A 67 -13.92 14.06 -14.13
CA ASP A 67 -14.61 14.84 -15.16
C ASP A 67 -15.51 15.92 -14.57
N ALA A 68 -15.82 15.84 -13.28
CA ALA A 68 -16.67 16.85 -12.63
C ALA A 68 -15.86 17.96 -11.98
N ALA A 69 -14.54 17.93 -12.07
CA ALA A 69 -13.73 18.96 -11.46
C ALA A 69 -13.95 20.30 -12.15
N PRO A 70 -13.97 21.41 -11.41
CA PRO A 70 -14.14 22.72 -12.05
C PRO A 70 -13.05 23.05 -13.05
N SER A 71 -11.80 22.65 -12.79
CA SER A 71 -10.71 22.97 -13.70
C SER A 71 -10.89 22.28 -15.05
N MET A 72 -11.29 21.01 -15.04
CA MET A 72 -11.50 20.28 -16.29
C MET A 72 -12.61 20.91 -17.12
N ILE A 73 -13.73 21.25 -16.48
CA ILE A 73 -14.84 21.88 -17.19
C ILE A 73 -14.41 23.23 -17.74
N SER A 74 -13.68 24.01 -16.94
CA SER A 74 -13.22 25.32 -17.40
C SER A 74 -12.30 25.19 -18.61
N MET A 75 -11.36 24.24 -18.57
CA MET A 75 -10.45 24.07 -19.70
C MET A 75 -11.18 23.59 -20.94
N LYS A 76 -12.16 22.70 -20.76
CA LYS A 76 -12.98 22.26 -21.90
C LYS A 76 -13.72 23.44 -22.51
N HIS A 77 -14.25 24.33 -21.67
CA HIS A 77 -14.89 25.54 -22.18
C HIS A 77 -13.90 26.43 -22.92
N ILE A 78 -12.68 26.55 -22.38
CA ILE A 78 -11.64 27.34 -23.06
C ILE A 78 -11.41 26.80 -24.46
N GLY A 79 -11.28 25.47 -24.57
CA GLY A 79 -11.07 24.88 -25.89
C GLY A 79 -12.27 25.04 -26.81
N LYS A 80 -13.48 24.91 -26.26
CA LYS A 80 -14.66 24.91 -27.10
C LYS A 80 -14.96 26.30 -27.66
N VAL A 81 -14.87 27.33 -26.82
CA VAL A 81 -15.24 28.67 -27.28
C VAL A 81 -14.27 29.16 -28.36
N PHE A 82 -12.97 28.92 -28.18
CA PHE A 82 -11.95 29.41 -29.09
C PHE A 82 -11.63 28.43 -30.21
N GLU A 83 -12.39 27.33 -30.32
CA GLU A 83 -12.17 26.32 -31.36
C GLU A 83 -10.76 25.75 -31.31
N GLU A 84 -10.28 25.49 -30.10
CA GLU A 84 -8.95 24.94 -29.87
C GLU A 84 -9.04 23.49 -29.37
N GLY A 85 -9.96 22.72 -29.93
CA GLY A 85 -10.16 21.35 -29.51
C GLY A 85 -10.97 21.28 -28.23
N ASP A 86 -10.91 20.12 -27.58
CA ASP A 86 -11.65 19.89 -26.35
C ASP A 86 -10.83 19.24 -25.24
N SER A 87 -9.66 18.70 -25.54
CA SER A 87 -8.86 18.03 -24.52
C SER A 87 -8.14 19.05 -23.64
N ASP A 88 -7.79 18.61 -22.43
CA ASP A 88 -7.03 19.42 -21.49
C ASP A 88 -5.54 19.16 -21.55
N SER A 89 -5.09 18.24 -22.40
CA SER A 89 -3.67 17.93 -22.51
C SER A 89 -2.94 19.05 -23.25
N ALA A 90 -1.64 19.15 -22.98
CA ALA A 90 -0.79 20.12 -23.66
C ALA A 90 0.65 19.61 -23.63
N ALA A 91 1.41 20.01 -24.65
CA ALA A 91 2.81 19.65 -24.77
C ALA A 91 3.61 20.87 -25.20
N MET A 92 4.89 20.88 -24.83
CA MET A 92 5.77 22.00 -25.14
C MET A 92 7.02 21.48 -25.84
N ILE A 93 7.39 22.15 -26.93
CA ILE A 93 8.60 21.84 -27.69
C ILE A 93 9.60 22.96 -27.45
N VAL A 94 10.80 22.59 -27.03
CA VAL A 94 11.84 23.55 -26.65
C VAL A 94 13.02 23.39 -27.59
N LEU A 95 13.46 24.51 -28.17
CA LEU A 95 14.68 24.57 -28.98
C LEU A 95 15.76 25.26 -28.18
N GLU A 96 16.91 24.61 -28.06
CA GLU A 96 18.03 25.10 -27.27
C GLU A 96 19.33 25.00 -28.07
N GLY A 97 20.15 26.04 -27.98
CA GLY A 97 21.43 26.04 -28.68
C GLY A 97 22.47 26.82 -27.90
N GLN A 98 23.73 26.54 -28.21
CA GLN A 98 24.85 27.19 -27.54
C GLN A 98 25.20 28.54 -28.13
N ARG A 99 24.59 28.92 -29.25
CA ARG A 99 24.82 30.19 -29.92
C ARG A 99 23.49 30.87 -30.16
N PRO A 100 23.49 32.19 -30.35
CA PRO A 100 22.24 32.89 -30.67
C PRO A 100 21.59 32.32 -31.92
N LEU A 101 20.26 32.25 -31.88
CA LEU A 101 19.51 31.58 -32.93
C LEU A 101 19.63 32.35 -34.25
N GLY A 102 19.66 31.61 -35.36
CA GLY A 102 19.87 32.21 -36.66
C GLY A 102 18.77 31.95 -37.67
N ASP A 103 19.03 32.31 -38.93
CA ASP A 103 18.02 32.15 -39.97
C ASP A 103 17.75 30.68 -40.28
N ALA A 104 18.79 29.85 -40.25
CA ALA A 104 18.60 28.41 -40.45
C ALA A 104 17.69 27.84 -39.37
N ALA A 105 17.82 28.34 -38.13
CA ALA A 105 16.92 27.93 -37.07
C ALA A 105 15.48 28.31 -37.39
N HIS A 106 15.27 29.51 -37.94
CA HIS A 106 13.93 29.92 -38.33
C HIS A 106 13.37 29.02 -39.42
N ALA A 107 14.20 28.66 -40.40
CA ALA A 107 13.75 27.76 -41.47
C ALA A 107 13.36 26.41 -40.91
N PHE A 108 14.21 25.85 -40.04
CA PHE A 108 13.89 24.57 -39.41
C PHE A 108 12.61 24.66 -38.60
N TYR A 109 12.43 25.75 -37.86
CA TYR A 109 11.23 25.92 -37.05
C TYR A 109 9.98 25.98 -37.91
N ASP A 110 10.01 26.73 -39.02
CA ASP A 110 8.81 26.86 -39.83
C ASP A 110 8.50 25.57 -40.57
N GLN A 111 9.53 24.86 -41.04
CA GLN A 111 9.25 23.58 -41.71
C GLN A 111 8.72 22.55 -40.71
N MET A 112 9.25 22.55 -39.49
CA MET A 112 8.71 21.67 -38.45
C MET A 112 7.26 22.02 -38.12
N ILE A 113 6.95 23.32 -38.06
CA ILE A 113 5.58 23.75 -37.79
C ILE A 113 4.66 23.28 -38.90
N GLY A 114 5.09 23.42 -40.16
CA GLY A 114 4.28 22.95 -41.27
C GLY A 114 4.04 21.46 -41.23
N ARG A 115 5.11 20.68 -40.96
CA ARG A 115 4.96 19.23 -40.88
C ARG A 115 4.02 18.83 -39.75
N LEU A 116 4.12 19.50 -38.59
CA LEU A 116 3.23 19.20 -37.48
C LEU A 116 1.79 19.56 -37.83
N GLN A 117 1.58 20.68 -38.51
CA GLN A 117 0.23 21.07 -38.93
C GLN A 117 -0.33 20.16 -40.00
N ALA A 118 0.55 19.44 -40.73
CA ALA A 118 0.06 18.49 -41.73
C ALA A 118 -0.79 17.40 -41.09
N ASP A 119 -0.34 16.87 -39.95
CA ASP A 119 -1.13 15.89 -39.21
C ASP A 119 -2.35 16.56 -38.58
N THR A 120 -3.45 15.80 -38.51
CA THR A 120 -4.69 16.30 -37.94
C THR A 120 -5.37 15.34 -36.98
N THR A 121 -4.97 14.07 -36.94
CA THR A 121 -5.62 13.12 -36.03
C THR A 121 -5.19 13.33 -34.58
N HIS A 122 -3.93 13.67 -34.36
CA HIS A 122 -3.38 13.82 -33.03
C HIS A 122 -3.13 15.28 -32.63
N VAL A 123 -2.53 16.08 -33.50
CA VAL A 123 -2.24 17.47 -33.19
C VAL A 123 -3.51 18.28 -33.46
N GLN A 124 -4.22 18.66 -32.40
CA GLN A 124 -5.46 19.40 -32.57
C GLN A 124 -5.20 20.84 -32.99
N SER A 125 -4.25 21.50 -32.34
CA SER A 125 -3.94 22.89 -32.66
C SER A 125 -2.60 23.27 -32.04
N LEU A 126 -2.08 24.41 -32.48
CA LEU A 126 -0.85 24.97 -31.94
C LEU A 126 -0.91 26.49 -32.09
N GLN A 127 -0.10 27.17 -31.26
CA GLN A 127 0.00 28.61 -31.28
C GLN A 127 1.39 29.03 -31.70
N ASP A 128 1.47 29.94 -32.68
CA ASP A 128 2.73 30.45 -33.19
C ASP A 128 2.95 31.86 -32.67
N PHE A 129 4.09 32.07 -32.02
CA PHE A 129 4.42 33.40 -31.49
C PHE A 129 5.82 33.82 -31.95
N TRP A 130 6.70 32.85 -32.16
CA TRP A 130 8.07 33.18 -32.57
C TRP A 130 8.12 33.66 -34.00
N GLY A 131 7.16 33.25 -34.84
CA GLY A 131 7.11 33.72 -36.21
C GLY A 131 6.48 35.09 -36.40
N ASP A 132 5.93 35.66 -35.34
CA ASP A 132 5.31 36.97 -35.41
C ASP A 132 6.28 38.02 -34.89
N PRO A 133 6.69 38.99 -35.71
CA PRO A 133 7.61 40.02 -35.21
C PRO A 133 7.05 40.83 -34.05
N LEU A 134 5.74 41.02 -33.99
CA LEU A 134 5.14 41.76 -32.88
C LEU A 134 5.33 41.02 -31.56
N THR A 135 5.17 39.70 -31.58
CA THR A 135 5.32 38.86 -30.39
C THR A 135 6.58 38.01 -30.45
N ALA A 136 7.62 38.50 -31.14
CA ALA A 136 8.86 37.74 -31.24
C ALA A 136 9.53 37.59 -29.89
N THR A 137 9.51 38.65 -29.07
CA THR A 137 10.15 38.60 -27.75
C THR A 137 9.43 37.68 -26.79
N GLY A 138 8.22 37.22 -27.12
CA GLY A 138 7.50 36.33 -26.22
C GLY A 138 8.20 35.00 -26.03
N ALA A 139 8.85 34.48 -27.06
CA ALA A 139 9.53 33.19 -26.98
C ALA A 139 11.03 33.32 -26.79
N GLN A 140 11.63 34.46 -27.18
CA GLN A 140 13.05 34.64 -27.01
C GLN A 140 13.43 34.70 -25.53
N SER A 141 14.60 34.16 -25.22
CA SER A 141 15.12 34.20 -23.87
C SER A 141 15.74 35.57 -23.59
N SER A 142 16.22 35.77 -22.36
CA SER A 142 16.92 37.00 -22.03
C SER A 142 18.20 37.13 -22.84
N ASP A 143 18.94 36.03 -23.00
CA ASP A 143 20.13 35.98 -23.82
C ASP A 143 19.87 35.50 -25.23
N GLY A 144 18.61 35.18 -25.57
CA GLY A 144 18.26 34.74 -26.91
C GLY A 144 18.88 33.43 -27.32
N LYS A 145 18.82 32.43 -26.44
CA LYS A 145 19.42 31.12 -26.72
C LYS A 145 18.41 29.98 -26.66
N ALA A 146 17.12 30.26 -26.46
CA ALA A 146 16.13 29.19 -26.36
C ALA A 146 14.79 29.70 -26.84
N ALA A 147 13.92 28.76 -27.21
CA ALA A 147 12.57 29.09 -27.66
C ALA A 147 11.64 27.94 -27.29
N TYR A 148 10.35 28.26 -27.18
CA TYR A 148 9.35 27.28 -26.79
C TYR A 148 8.08 27.47 -27.60
N VAL A 149 7.40 26.36 -27.89
CA VAL A 149 6.14 26.35 -28.63
C VAL A 149 5.18 25.38 -27.97
N GLN A 150 3.92 25.81 -27.83
CA GLN A 150 2.89 24.99 -27.19
C GLN A 150 1.99 24.36 -28.23
N VAL A 151 1.74 23.05 -28.07
CA VAL A 151 0.87 22.29 -28.97
C VAL A 151 -0.14 21.54 -28.13
N LYS A 152 -1.42 21.63 -28.51
CA LYS A 152 -2.48 20.96 -27.78
C LYS A 152 -2.77 19.60 -28.39
N LEU A 153 -2.78 18.56 -27.57
CA LEU A 153 -2.97 17.20 -28.03
C LEU A 153 -4.46 16.83 -27.96
N ALA A 154 -4.77 15.57 -28.24
CA ALA A 154 -6.13 15.05 -28.21
C ALA A 154 -6.21 13.96 -27.15
N GLY A 155 -7.22 14.04 -26.30
CA GLY A 155 -7.40 13.11 -25.22
C GLY A 155 -6.94 13.69 -23.89
N ASN A 156 -7.58 13.25 -22.82
CA ASN A 156 -7.29 13.76 -21.49
C ASN A 156 -5.98 13.17 -20.97
N GLN A 157 -5.43 13.81 -19.95
CA GLN A 157 -4.16 13.38 -19.38
C GLN A 157 -4.28 12.01 -18.73
N GLY A 158 -3.28 11.17 -18.97
CA GLY A 158 -3.18 9.89 -18.32
C GLY A 158 -3.82 8.73 -19.07
N GLU A 159 -4.60 9.00 -20.11
CA GLU A 159 -5.24 7.93 -20.85
C GLU A 159 -4.44 7.60 -22.11
N SER A 160 -4.87 6.55 -22.80
CA SER A 160 -4.10 6.02 -23.91
C SER A 160 -4.00 7.00 -25.08
N LEU A 161 -5.04 7.81 -25.30
CA LEU A 161 -5.02 8.74 -26.43
C LEU A 161 -3.90 9.77 -26.27
N ALA A 162 -3.74 10.31 -25.06
CA ALA A 162 -2.68 11.30 -24.84
C ALA A 162 -1.30 10.68 -25.02
N ASN A 163 -1.12 9.46 -24.53
CA ASN A 163 0.17 8.78 -24.69
C ASN A 163 0.48 8.54 -26.16
N GLU A 164 -0.52 8.08 -26.92
CA GLU A 164 -0.32 7.87 -28.35
C GLU A 164 0.00 9.18 -29.06
N SER A 165 -0.70 10.26 -28.69
CA SER A 165 -0.46 11.55 -29.34
C SER A 165 0.95 12.06 -29.05
N VAL A 166 1.40 11.95 -27.79
CA VAL A 166 2.73 12.46 -27.47
C VAL A 166 3.81 11.59 -28.12
N GLU A 167 3.58 10.27 -28.20
CA GLU A 167 4.54 9.41 -28.91
C GLU A 167 4.61 9.77 -30.38
N ALA A 168 3.45 10.03 -31.01
CA ALA A 168 3.45 10.43 -32.41
C ALA A 168 4.16 11.77 -32.61
N VAL A 169 3.96 12.70 -31.68
CA VAL A 169 4.63 14.00 -31.78
C VAL A 169 6.13 13.82 -31.69
N LYS A 170 6.59 12.99 -30.75
CA LYS A 170 8.03 12.73 -30.64
C LYS A 170 8.57 12.07 -31.90
N THR A 171 7.84 11.11 -32.46
CA THR A 171 8.29 10.45 -33.68
C THR A 171 8.39 11.45 -34.83
N ILE A 172 7.40 12.34 -34.96
CA ILE A 172 7.43 13.33 -36.04
C ILE A 172 8.60 14.29 -35.85
N VAL A 173 8.81 14.77 -34.63
CA VAL A 173 9.87 15.75 -34.40
C VAL A 173 11.26 15.13 -34.48
N GLU A 174 11.38 13.81 -34.31
CA GLU A 174 12.69 13.18 -34.34
C GLU A 174 13.11 12.78 -35.75
N ARG A 175 12.15 12.58 -36.66
CA ARG A 175 12.45 12.06 -37.98
C ARG A 175 13.31 13.01 -38.82
N LEU A 176 13.38 14.29 -38.46
CA LEU A 176 14.18 15.26 -39.19
C LEU A 176 15.45 15.57 -38.41
N ALA A 177 16.58 15.57 -39.10
CA ALA A 177 17.86 15.87 -38.46
C ALA A 177 17.93 17.36 -38.14
N PRO A 178 18.15 17.73 -36.88
CA PRO A 178 18.24 19.15 -36.53
C PRO A 178 19.49 19.77 -37.10
N PRO A 179 19.49 21.09 -37.32
CA PRO A 179 20.72 21.75 -37.76
C PRO A 179 21.77 21.67 -36.69
N PRO A 180 23.05 21.70 -37.07
CA PRO A 180 24.12 21.54 -36.07
C PRO A 180 24.11 22.66 -35.04
N GLY A 181 24.44 22.31 -33.80
CA GLY A 181 24.53 23.26 -32.72
C GLY A 181 23.28 23.43 -31.88
N VAL A 182 22.16 22.82 -32.27
CA VAL A 182 20.92 22.92 -31.52
C VAL A 182 20.31 21.54 -31.36
N LYS A 183 19.46 21.42 -30.33
CA LYS A 183 18.74 20.19 -30.04
C LYS A 183 17.32 20.52 -29.64
N VAL A 184 16.45 19.51 -29.69
CA VAL A 184 15.04 19.69 -29.39
C VAL A 184 14.64 18.79 -28.24
N TYR A 185 13.62 19.20 -27.50
CA TYR A 185 13.09 18.44 -26.37
C TYR A 185 11.59 18.62 -26.32
N VAL A 186 10.92 17.68 -25.65
CA VAL A 186 9.48 17.74 -25.42
C VAL A 186 9.23 17.68 -23.92
N THR A 187 8.41 18.62 -23.43
CA THR A 187 8.08 18.66 -22.00
C THR A 187 6.58 18.65 -21.80
N GLY A 188 6.13 18.86 -20.57
CA GLY A 188 4.73 18.89 -20.24
C GLY A 188 4.34 17.71 -19.35
N SER A 189 3.07 17.72 -18.95
CA SER A 189 2.56 16.69 -18.04
C SER A 189 2.34 15.37 -18.75
N ALA A 190 1.88 15.39 -20.00
CA ALA A 190 1.58 14.15 -20.71
C ALA A 190 2.83 13.31 -20.92
N ALA A 191 3.94 13.96 -21.30
CA ALA A 191 5.20 13.23 -21.47
C ALA A 191 5.65 12.64 -20.14
N LEU A 192 5.48 13.38 -19.05
CA LEU A 192 5.85 12.88 -17.74
C LEU A 192 5.03 11.65 -17.37
N VAL A 193 3.73 11.67 -17.68
CA VAL A 193 2.87 10.53 -17.37
C VAL A 193 3.27 9.31 -18.21
N ALA A 194 3.57 9.53 -19.49
CA ALA A 194 4.01 8.41 -20.34
C ALA A 194 5.31 7.79 -19.81
N ASP A 195 6.27 8.64 -19.44
CA ASP A 195 7.51 8.13 -18.88
C ASP A 195 7.25 7.40 -17.56
N GLN A 196 6.29 7.89 -16.77
CA GLN A 196 5.91 7.21 -15.55
C GLN A 196 5.37 5.82 -15.84
N GLN A 197 4.55 5.69 -16.88
CA GLN A 197 4.01 4.39 -17.26
C GLN A 197 5.12 3.42 -17.63
N GLN A 198 6.03 3.86 -18.49
CA GLN A 198 7.12 2.99 -18.92
C GLN A 198 8.02 2.58 -17.75
N ALA A 199 8.33 3.55 -16.88
CA ALA A 199 9.13 3.26 -15.70
C ALA A 199 8.41 2.26 -14.80
N GLY A 200 7.10 2.38 -14.68
CA GLY A 200 6.34 1.42 -13.89
C GLY A 200 6.43 0.01 -14.44
N ASP A 201 6.36 -0.13 -15.77
CA ASP A 201 6.48 -1.47 -16.36
C ASP A 201 7.86 -2.07 -16.07
N ARG A 202 8.92 -1.31 -16.32
CA ARG A 202 10.26 -1.84 -16.09
C ARG A 202 10.48 -2.17 -14.61
N SER A 203 9.99 -1.29 -13.73
CA SER A 203 10.08 -1.53 -12.30
C SER A 203 9.33 -2.79 -11.91
N LEU A 204 8.17 -3.04 -12.53
CA LEU A 204 7.43 -4.26 -12.24
C LEU A 204 8.25 -5.49 -12.57
N GLN A 205 8.91 -5.49 -13.73
CA GLN A 205 9.75 -6.63 -14.09
C GLN A 205 10.86 -6.85 -13.05
N VAL A 206 11.59 -5.78 -12.73
CA VAL A 206 12.72 -5.90 -11.80
C VAL A 206 12.24 -6.36 -10.42
N ILE A 207 11.09 -5.82 -9.98
CA ILE A 207 10.55 -6.17 -8.68
C ILE A 207 10.16 -7.63 -8.63
N GLU A 208 9.54 -8.15 -9.69
CA GLU A 208 9.21 -9.57 -9.73
C GLU A 208 10.46 -10.42 -9.56
N ALA A 209 11.52 -10.10 -10.30
CA ALA A 209 12.74 -10.89 -10.19
C ALA A 209 13.31 -10.85 -8.78
N VAL A 210 13.42 -9.65 -8.21
CA VAL A 210 14.02 -9.50 -6.88
C VAL A 210 13.19 -10.22 -5.83
N THR A 211 11.86 -10.09 -5.90
CA THR A 211 10.99 -10.74 -4.93
C THR A 211 11.13 -12.26 -4.99
N PHE A 212 11.19 -12.82 -6.20
CA PHE A 212 11.37 -14.26 -6.31
C PHE A 212 12.69 -14.71 -5.71
N THR A 213 13.77 -13.95 -5.96
CA THR A 213 15.05 -14.31 -5.36
C THR A 213 14.99 -14.28 -3.83
N VAL A 214 14.37 -13.23 -3.28
CA VAL A 214 14.28 -13.12 -1.83
C VAL A 214 13.47 -14.26 -1.23
N ILE A 215 12.36 -14.62 -1.89
CA ILE A 215 11.55 -15.73 -1.41
C ILE A 215 12.36 -17.02 -1.42
N ILE A 216 13.12 -17.26 -2.49
CA ILE A 216 13.94 -18.46 -2.58
C ILE A 216 14.90 -18.53 -1.41
N VAL A 217 15.65 -17.45 -1.17
CA VAL A 217 16.70 -17.50 -0.16
C VAL A 217 16.10 -17.63 1.24
N MET A 218 14.99 -16.92 1.49
CA MET A 218 14.39 -16.98 2.82
C MET A 218 13.81 -18.35 3.11
N LEU A 219 13.10 -18.95 2.14
CA LEU A 219 12.54 -20.27 2.35
C LEU A 219 13.64 -21.31 2.56
N LEU A 220 14.73 -21.22 1.77
CA LEU A 220 15.83 -22.15 1.94
C LEU A 220 16.46 -22.00 3.33
N LEU A 221 16.59 -20.77 3.80
CA LEU A 221 17.14 -20.56 5.14
C LEU A 221 16.23 -21.13 6.22
N VAL A 222 14.92 -20.93 6.09
CA VAL A 222 14.00 -21.32 7.17
C VAL A 222 13.83 -22.83 7.22
N TYR A 223 13.57 -23.47 6.08
CA TYR A 223 13.15 -24.86 6.11
C TYR A 223 14.31 -25.86 6.01
N ARG A 224 15.47 -25.43 5.51
CA ARG A 224 16.66 -26.28 5.42
C ARG A 224 16.38 -27.56 4.62
N SER A 225 15.64 -27.42 3.53
CA SER A 225 15.35 -28.55 2.65
C SER A 225 14.99 -28.01 1.28
N ILE A 226 15.69 -28.49 0.24
CA ILE A 226 15.49 -27.95 -1.10
C ILE A 226 14.14 -28.38 -1.67
N ILE A 227 13.73 -29.62 -1.41
CA ILE A 227 12.49 -30.13 -1.99
C ILE A 227 11.28 -29.37 -1.47
N THR A 228 11.24 -29.11 -0.16
CA THR A 228 10.11 -28.38 0.39
C THR A 228 10.01 -26.98 -0.20
N SER A 229 11.16 -26.30 -0.34
CA SER A 229 11.16 -24.98 -0.95
C SER A 229 10.70 -25.04 -2.40
N ALA A 230 11.10 -26.07 -3.13
CA ALA A 230 10.62 -26.23 -4.50
C ALA A 230 9.10 -26.36 -4.54
N ILE A 231 8.52 -27.10 -3.58
CA ILE A 231 7.08 -27.24 -3.54
C ILE A 231 6.41 -25.90 -3.23
N MET A 232 6.98 -25.14 -2.28
CA MET A 232 6.44 -23.81 -1.99
C MET A 232 6.42 -22.94 -3.23
N LEU A 233 7.54 -22.93 -3.97
CA LEU A 233 7.60 -22.12 -5.18
C LEU A 233 6.64 -22.60 -6.24
N THR A 234 6.42 -23.91 -6.36
CA THR A 234 5.41 -24.42 -7.28
C THR A 234 4.05 -23.83 -6.96
N MET A 235 3.64 -23.92 -5.68
CA MET A 235 2.33 -23.37 -5.30
C MET A 235 2.25 -21.88 -5.57
N VAL A 236 3.30 -21.13 -5.19
CA VAL A 236 3.26 -19.68 -5.33
C VAL A 236 3.18 -19.28 -6.80
N VAL A 237 3.97 -19.94 -7.66
CA VAL A 237 3.97 -19.62 -9.08
C VAL A 237 2.61 -19.92 -9.69
N LEU A 238 2.03 -21.08 -9.36
CA LEU A 238 0.72 -21.41 -9.90
C LEU A 238 -0.33 -20.38 -9.48
N GLY A 239 -0.31 -19.99 -8.20
CA GLY A 239 -1.28 -19.00 -7.74
C GLY A 239 -1.12 -17.66 -8.42
N LEU A 240 0.13 -17.19 -8.55
CA LEU A 240 0.36 -15.91 -9.21
C LEU A 240 -0.07 -15.94 -10.67
N LEU A 241 0.26 -17.01 -11.39
CA LEU A 241 -0.17 -17.12 -12.77
C LEU A 241 -1.69 -17.10 -12.88
N ALA A 242 -2.37 -17.85 -12.02
CA ALA A 242 -3.83 -17.90 -12.07
C ALA A 242 -4.44 -16.52 -11.83
N THR A 243 -3.98 -15.82 -10.80
CA THR A 243 -4.59 -14.53 -10.48
C THR A 243 -4.31 -13.49 -11.57
N ARG A 244 -3.08 -13.45 -12.08
CA ARG A 244 -2.79 -12.46 -13.12
C ARG A 244 -3.56 -12.76 -14.40
N GLY A 245 -3.69 -14.04 -14.77
CA GLY A 245 -4.49 -14.38 -15.93
C GLY A 245 -5.94 -14.02 -15.76
N GLY A 246 -6.50 -14.27 -14.58
CA GLY A 246 -7.89 -13.93 -14.34
C GLY A 246 -8.13 -12.43 -14.41
N VAL A 247 -7.25 -11.64 -13.80
CA VAL A 247 -7.41 -10.19 -13.85
C VAL A 247 -7.27 -9.67 -15.28
N ALA A 248 -6.30 -10.21 -16.03
CA ALA A 248 -6.14 -9.79 -17.43
C ALA A 248 -7.38 -10.13 -18.25
N PHE A 249 -7.94 -11.32 -18.07
CA PHE A 249 -9.15 -11.68 -18.80
C PHE A 249 -10.31 -10.77 -18.44
N LEU A 250 -10.46 -10.46 -17.15
CA LEU A 250 -11.54 -9.57 -16.74
C LEU A 250 -11.38 -8.19 -17.34
N GLY A 251 -10.15 -7.66 -17.36
CA GLY A 251 -9.91 -6.34 -17.91
C GLY A 251 -9.95 -6.27 -19.42
N PHE A 252 -9.80 -7.41 -20.11
CA PHE A 252 -9.80 -7.40 -21.58
C PHE A 252 -11.15 -6.97 -22.15
N HIS A 253 -12.24 -7.25 -21.44
CA HIS A 253 -13.58 -6.99 -21.96
C HIS A 253 -14.15 -5.65 -21.48
N ARG A 254 -13.29 -4.66 -21.26
CA ARG A 254 -13.69 -3.29 -20.92
C ARG A 254 -14.50 -3.23 -19.63
N ILE A 255 -14.40 -4.24 -18.77
CA ILE A 255 -15.19 -4.27 -17.55
C ILE A 255 -14.68 -3.23 -16.56
N ILE A 256 -13.35 -3.14 -16.39
CA ILE A 256 -12.75 -2.29 -15.37
C ILE A 256 -11.55 -1.54 -15.95
N GLY A 257 -11.18 -0.46 -15.26
CA GLY A 257 -9.97 0.27 -15.59
C GLY A 257 -8.77 -0.25 -14.82
N LEU A 258 -7.59 0.29 -15.16
CA LEU A 258 -6.35 -0.18 -14.56
C LEU A 258 -5.35 0.96 -14.48
N SER A 259 -4.27 0.71 -13.74
CA SER A 259 -3.17 1.65 -13.60
C SER A 259 -1.94 0.88 -13.13
N THR A 260 -0.79 1.55 -13.17
CA THR A 260 0.47 0.89 -12.80
C THR A 260 0.47 0.49 -11.33
N PHE A 261 -0.01 1.38 -10.46
CA PHE A 261 -0.01 1.09 -9.02
C PHE A 261 -0.86 -0.15 -8.73
N ALA A 262 -2.02 -0.27 -9.38
CA ALA A 262 -2.87 -1.42 -9.15
C ALA A 262 -2.18 -2.71 -9.54
N THR A 263 -1.50 -2.72 -10.69
CA THR A 263 -0.81 -3.93 -11.14
C THR A 263 0.31 -4.32 -10.18
N ASN A 264 1.13 -3.33 -9.79
CA ASN A 264 2.25 -3.64 -8.89
C ASN A 264 1.75 -4.17 -7.55
N LEU A 265 0.76 -3.48 -6.95
CA LEU A 265 0.22 -3.95 -5.68
C LEU A 265 -0.39 -5.33 -5.82
N LEU A 266 -1.13 -5.58 -6.91
CA LEU A 266 -1.75 -6.89 -7.10
C LEU A 266 -0.70 -7.99 -7.15
N VAL A 267 0.35 -7.79 -7.95
CA VAL A 267 1.35 -8.84 -8.12
C VAL A 267 2.04 -9.12 -6.78
N VAL A 268 2.54 -8.06 -6.14
CA VAL A 268 3.33 -8.26 -4.92
C VAL A 268 2.47 -8.87 -3.81
N LEU A 269 1.26 -8.32 -3.62
CA LEU A 269 0.40 -8.79 -2.56
C LEU A 269 -0.04 -10.23 -2.79
N ALA A 270 -0.33 -10.60 -4.04
CA ALA A 270 -0.71 -11.97 -4.33
C ALA A 270 0.43 -12.93 -4.02
N ILE A 271 1.65 -12.60 -4.45
CA ILE A 271 2.80 -13.47 -4.16
C ILE A 271 2.95 -13.66 -2.65
N ALA A 272 2.92 -12.54 -1.92
CA ALA A 272 3.17 -12.60 -0.48
C ALA A 272 2.07 -13.37 0.25
N ALA A 273 0.81 -13.15 -0.13
CA ALA A 273 -0.30 -13.86 0.52
C ALA A 273 -0.23 -15.36 0.25
N ALA A 274 0.10 -15.75 -1.00
CA ALA A 274 0.24 -17.17 -1.30
C ALA A 274 1.36 -17.79 -0.46
N THR A 275 2.49 -17.09 -0.33
CA THR A 275 3.57 -17.61 0.50
C THR A 275 3.14 -17.78 1.95
N ASP A 276 2.41 -16.79 2.49
CA ASP A 276 1.97 -16.87 3.88
C ASP A 276 1.03 -18.05 4.10
N TYR A 277 0.08 -18.25 3.17
CA TYR A 277 -0.86 -19.37 3.33
C TYR A 277 -0.14 -20.71 3.26
N ALA A 278 0.80 -20.85 2.33
CA ALA A 278 1.56 -22.10 2.23
C ALA A 278 2.36 -22.35 3.51
N ILE A 279 3.00 -21.30 4.04
CA ILE A 279 3.77 -21.44 5.28
C ILE A 279 2.87 -21.91 6.42
N PHE A 280 1.71 -21.26 6.56
CA PHE A 280 0.77 -21.66 7.62
C PHE A 280 0.40 -23.12 7.50
N LEU A 281 -0.03 -23.55 6.31
CA LEU A 281 -0.52 -24.91 6.14
C LEU A 281 0.58 -25.93 6.44
N ILE A 282 1.76 -25.75 5.84
CA ILE A 282 2.78 -26.78 6.01
C ILE A 282 3.38 -26.76 7.41
N GLY A 283 3.49 -25.58 8.04
CA GLY A 283 3.93 -25.56 9.42
C GLY A 283 2.97 -26.29 10.34
N ARG A 284 1.66 -26.09 10.14
CA ARG A 284 0.69 -26.83 10.94
C ARG A 284 0.80 -28.33 10.69
N TYR A 285 0.97 -28.73 9.43
CA TYR A 285 1.09 -30.15 9.11
C TYR A 285 2.30 -30.77 9.80
N GLN A 286 3.45 -30.10 9.73
CA GLN A 286 4.66 -30.64 10.35
C GLN A 286 4.54 -30.72 11.85
N GLU A 287 3.96 -29.67 12.47
CA GLU A 287 3.78 -29.70 13.92
C GLU A 287 2.84 -30.83 14.33
N ALA A 288 1.76 -31.03 13.57
CA ALA A 288 0.83 -32.11 13.89
C ALA A 288 1.49 -33.47 13.76
N ARG A 289 2.30 -33.66 12.71
CA ARG A 289 2.96 -34.94 12.52
C ARG A 289 4.06 -35.19 13.55
N GLY A 290 4.66 -34.13 14.09
CA GLY A 290 5.76 -34.30 15.03
C GLY A 290 5.39 -35.03 16.31
N LEU A 291 4.10 -35.18 16.60
CA LEU A 291 3.64 -35.86 17.80
C LEU A 291 3.40 -37.35 17.60
N GLY A 292 3.89 -37.91 16.49
CA GLY A 292 3.77 -39.33 16.23
C GLY A 292 2.54 -39.76 15.46
N GLN A 293 1.68 -38.82 15.07
CA GLN A 293 0.50 -39.17 14.30
C GLN A 293 0.88 -39.56 12.88
N ASP A 294 0.02 -40.36 12.25
CA ASP A 294 0.24 -40.80 10.89
C ASP A 294 -0.06 -39.66 9.91
N ARG A 295 0.02 -39.98 8.61
CA ARG A 295 -0.10 -38.94 7.59
C ARG A 295 -1.54 -38.45 7.45
N GLU A 296 -2.49 -39.39 7.41
CA GLU A 296 -3.90 -39.01 7.27
C GLU A 296 -4.37 -38.15 8.43
N SER A 297 -3.98 -38.53 9.65
CA SER A 297 -4.38 -37.76 10.82
C SER A 297 -3.81 -36.35 10.77
N ALA A 298 -2.56 -36.21 10.34
CA ALA A 298 -1.95 -34.89 10.23
C ALA A 298 -2.65 -34.05 9.18
N TYR A 299 -3.01 -34.65 8.04
CA TYR A 299 -3.71 -33.92 6.99
C TYR A 299 -5.06 -33.41 7.50
N TYR A 300 -5.84 -34.29 8.12
CA TYR A 300 -7.14 -33.89 8.64
C TYR A 300 -6.99 -32.82 9.72
N THR A 301 -5.98 -32.96 10.57
CA THR A 301 -5.75 -32.00 11.64
C THR A 301 -5.44 -30.61 11.07
N MET A 302 -4.53 -30.54 10.09
CA MET A 302 -4.18 -29.22 9.56
C MET A 302 -5.38 -28.59 8.88
N PHE A 303 -6.16 -29.40 8.13
CA PHE A 303 -7.33 -28.82 7.46
C PHE A 303 -8.31 -28.27 8.46
N GLY A 304 -8.71 -29.10 9.44
CA GLY A 304 -9.66 -28.67 10.44
C GLY A 304 -9.17 -27.54 11.32
N GLY A 305 -7.85 -27.34 11.42
CA GLY A 305 -7.34 -26.26 12.22
C GLY A 305 -7.04 -24.97 11.49
N THR A 306 -6.92 -25.01 10.16
CA THR A 306 -6.52 -23.83 9.42
C THR A 306 -7.49 -23.36 8.34
N ALA A 307 -8.47 -24.17 7.94
CA ALA A 307 -9.32 -23.78 6.83
C ALA A 307 -10.09 -22.49 7.12
N HIS A 308 -10.76 -22.44 8.27
CA HIS A 308 -11.58 -21.28 8.58
C HIS A 308 -10.73 -20.03 8.80
N VAL A 309 -9.53 -20.20 9.39
CA VAL A 309 -8.64 -19.07 9.60
C VAL A 309 -8.21 -18.48 8.26
N VAL A 310 -7.83 -19.35 7.31
CA VAL A 310 -7.40 -18.87 6.00
C VAL A 310 -8.55 -18.16 5.30
N LEU A 311 -9.74 -18.76 5.33
CA LEU A 311 -10.89 -18.15 4.67
C LEU A 311 -11.21 -16.79 5.28
N GLY A 312 -11.17 -16.69 6.60
CA GLY A 312 -11.46 -15.41 7.26
C GLY A 312 -10.44 -14.35 6.90
N SER A 313 -9.15 -14.70 6.87
CA SER A 313 -8.13 -13.72 6.51
C SER A 313 -8.32 -13.23 5.08
N GLY A 314 -8.61 -14.15 4.16
CA GLY A 314 -8.83 -13.75 2.77
C GLY A 314 -10.02 -12.84 2.62
N LEU A 315 -11.14 -13.19 3.27
CA LEU A 315 -12.32 -12.35 3.20
C LEU A 315 -12.08 -10.99 3.83
N THR A 316 -11.28 -10.93 4.91
CA THR A 316 -10.96 -9.65 5.52
C THR A 316 -10.19 -8.77 4.57
N ILE A 317 -9.17 -9.31 3.89
CA ILE A 317 -8.40 -8.50 2.96
C ILE A 317 -9.27 -8.03 1.79
N ALA A 318 -10.11 -8.93 1.26
CA ALA A 318 -10.99 -8.56 0.16
C ALA A 318 -11.95 -7.45 0.57
N GLY A 319 -12.54 -7.57 1.76
CA GLY A 319 -13.45 -6.55 2.23
C GLY A 319 -12.78 -5.22 2.46
N ALA A 320 -11.56 -5.23 2.98
CA ALA A 320 -10.83 -3.98 3.16
C ALA A 320 -10.58 -3.29 1.82
N THR A 321 -10.16 -4.06 0.81
CA THR A 321 -9.95 -3.46 -0.51
C THR A 321 -11.26 -2.92 -1.09
N PHE A 322 -12.35 -3.68 -0.95
CA PHE A 322 -13.62 -3.20 -1.48
C PHE A 322 -14.09 -1.92 -0.77
N CYS A 323 -13.84 -1.83 0.53
CA CYS A 323 -14.14 -0.59 1.24
C CYS A 323 -13.28 0.55 0.74
N LEU A 324 -12.01 0.28 0.45
CA LEU A 324 -11.17 1.29 -0.17
C LEU A 324 -11.74 1.76 -1.50
N SER A 325 -12.44 0.88 -2.20
CA SER A 325 -13.05 1.25 -3.48
C SER A 325 -14.20 2.29 -3.37
N PHE A 326 -14.52 2.87 -2.22
CA PHE A 326 -15.65 3.80 -2.07
C PHE A 326 -15.20 5.26 -2.09
N THR A 327 -14.18 5.59 -2.86
CA THR A 327 -13.57 6.90 -2.86
C THR A 327 -14.14 7.78 -3.97
N ARG A 328 -13.52 8.93 -4.18
CA ARG A 328 -13.84 9.84 -5.27
C ARG A 328 -12.71 10.03 -6.26
N LEU A 329 -11.46 9.91 -5.82
CA LEU A 329 -10.33 10.03 -6.74
C LEU A 329 -10.25 8.82 -7.66
N PRO A 330 -9.89 9.00 -8.92
CA PRO A 330 -9.82 7.86 -9.85
C PRO A 330 -8.80 6.80 -9.46
N TYR A 331 -7.69 7.19 -8.83
CA TYR A 331 -6.63 6.22 -8.54
C TYR A 331 -7.11 5.15 -7.57
N PHE A 332 -7.66 5.55 -6.43
CA PHE A 332 -8.14 4.55 -5.47
C PHE A 332 -9.35 3.81 -6.00
N GLN A 333 -10.19 4.49 -6.81
CA GLN A 333 -11.34 3.83 -7.39
C GLN A 333 -10.92 2.69 -8.30
N THR A 334 -9.87 2.90 -9.10
CA THR A 334 -9.33 1.82 -9.92
C THR A 334 -8.57 0.81 -9.09
N LEU A 335 -8.01 1.24 -7.96
CA LEU A 335 -7.33 0.31 -7.06
C LEU A 335 -8.29 -0.72 -6.48
N GLY A 336 -9.50 -0.29 -6.14
CA GLY A 336 -10.42 -1.12 -5.38
C GLY A 336 -10.76 -2.51 -5.90
N VAL A 337 -11.50 -2.58 -7.02
CA VAL A 337 -12.08 -3.87 -7.44
C VAL A 337 -11.03 -4.91 -7.83
N PRO A 338 -10.04 -4.60 -8.68
CA PRO A 338 -9.11 -5.67 -9.10
C PRO A 338 -8.35 -6.30 -7.95
N LEU A 339 -8.00 -5.53 -6.92
CA LEU A 339 -7.34 -6.11 -5.76
C LEU A 339 -8.24 -7.13 -5.07
N ALA A 340 -9.51 -6.80 -4.90
CA ALA A 340 -10.44 -7.73 -4.27
C ALA A 340 -10.61 -9.00 -5.11
N ILE A 341 -10.72 -8.85 -6.43
CA ILE A 341 -10.85 -10.01 -7.30
C ILE A 341 -9.61 -10.89 -7.21
N GLY A 342 -8.43 -10.27 -7.23
CA GLY A 342 -7.20 -11.04 -7.12
C GLY A 342 -7.08 -11.79 -5.81
N MET A 343 -7.45 -11.13 -4.70
CA MET A 343 -7.40 -11.80 -3.41
C MET A 343 -8.37 -12.96 -3.34
N VAL A 344 -9.58 -12.78 -3.89
CA VAL A 344 -10.55 -13.88 -3.89
C VAL A 344 -10.00 -15.06 -4.69
N ILE A 345 -9.44 -14.78 -5.87
CA ILE A 345 -8.89 -15.85 -6.69
C ILE A 345 -7.75 -16.56 -5.97
N VAL A 346 -6.87 -15.78 -5.32
CA VAL A 346 -5.72 -16.37 -4.62
C VAL A 346 -6.18 -17.27 -3.48
N VAL A 347 -7.16 -16.80 -2.69
CA VAL A 347 -7.63 -17.60 -1.57
C VAL A 347 -8.29 -18.87 -2.05
N ALA A 348 -9.13 -18.77 -3.09
CA ALA A 348 -9.77 -19.98 -3.62
C ALA A 348 -8.73 -20.97 -4.14
N ALA A 349 -7.74 -20.47 -4.87
CA ALA A 349 -6.70 -21.34 -5.41
C ALA A 349 -5.92 -22.02 -4.29
N ALA A 350 -5.56 -21.27 -3.25
CA ALA A 350 -4.84 -21.87 -2.14
C ALA A 350 -5.67 -22.95 -1.47
N LEU A 351 -6.91 -22.62 -1.09
CA LEU A 351 -7.75 -23.57 -0.38
C LEU A 351 -8.01 -24.83 -1.20
N THR A 352 -8.09 -24.71 -2.52
CA THR A 352 -8.40 -25.86 -3.35
C THR A 352 -7.16 -26.65 -3.76
N LEU A 353 -5.99 -26.01 -3.82
CA LEU A 353 -4.80 -26.64 -4.38
C LEU A 353 -3.80 -27.11 -3.34
N GLY A 354 -3.68 -26.43 -2.20
CA GLY A 354 -2.70 -26.79 -1.20
C GLY A 354 -2.85 -28.19 -0.65
N PRO A 355 -4.03 -28.52 -0.11
CA PRO A 355 -4.22 -29.87 0.43
C PRO A 355 -4.00 -30.99 -0.58
N ALA A 356 -4.43 -30.79 -1.83
CA ALA A 356 -4.26 -31.84 -2.84
C ALA A 356 -2.79 -32.10 -3.12
N ILE A 357 -2.01 -31.03 -3.33
CA ILE A 357 -0.58 -31.18 -3.58
C ILE A 357 0.09 -31.81 -2.37
N ILE A 358 -0.27 -31.37 -1.17
CA ILE A 358 0.35 -31.90 0.04
C ILE A 358 0.07 -33.40 0.17
N ALA A 359 -1.17 -33.81 -0.07
CA ALA A 359 -1.51 -35.22 0.03
C ALA A 359 -0.76 -36.05 -1.01
N VAL A 360 -0.74 -35.57 -2.26
CA VAL A 360 -0.09 -36.32 -3.33
C VAL A 360 1.40 -36.48 -3.05
N THR A 361 2.05 -35.40 -2.61
CA THR A 361 3.48 -35.48 -2.31
C THR A 361 3.75 -36.36 -1.09
N SER A 362 2.93 -36.23 -0.04
CA SER A 362 3.17 -36.99 1.18
C SER A 362 2.92 -38.48 0.99
N ARG A 363 2.06 -38.85 0.04
CA ARG A 363 1.85 -40.28 -0.20
C ARG A 363 3.09 -40.96 -0.77
N PHE A 364 4.06 -40.20 -1.27
CA PHE A 364 5.26 -40.79 -1.88
C PHE A 364 6.40 -40.95 -0.88
N GLY A 365 6.09 -41.51 0.29
CA GLY A 365 7.12 -41.95 1.21
C GLY A 365 7.75 -40.92 2.12
N LYS A 366 8.64 -40.07 1.57
CA LYS A 366 9.56 -39.31 2.40
C LYS A 366 9.67 -37.84 1.99
N LEU A 367 8.82 -37.36 1.08
CA LEU A 367 9.01 -36.03 0.50
C LEU A 367 8.85 -34.93 1.55
N LEU A 368 7.82 -35.02 2.38
CA LEU A 368 7.43 -33.92 3.26
C LEU A 368 7.56 -34.29 4.73
N GLU A 369 8.65 -34.97 5.10
CA GLU A 369 8.86 -35.29 6.50
C GLU A 369 9.56 -34.14 7.22
N PRO A 370 9.32 -33.98 8.51
CA PRO A 370 9.97 -32.91 9.26
C PRO A 370 11.46 -33.16 9.39
N LYS A 371 12.21 -32.07 9.57
CA LYS A 371 13.67 -32.11 9.68
C LYS A 371 14.17 -31.80 11.08
N ARG A 372 13.78 -30.65 11.65
CA ARG A 372 14.25 -30.24 12.95
C ARG A 372 13.13 -29.55 13.72
N MET A 373 13.25 -29.56 15.04
CA MET A 373 12.31 -28.85 15.91
C MET A 373 12.82 -27.43 16.13
N ALA A 374 11.94 -26.45 15.91
CA ALA A 374 12.39 -25.05 15.92
C ALA A 374 12.50 -24.50 17.34
N ARG A 375 11.36 -24.39 18.03
CA ARG A 375 11.32 -23.76 19.36
C ARG A 375 10.05 -24.13 20.10
N VAL A 376 10.18 -24.73 21.28
CA VAL A 376 9.02 -25.08 22.08
C VAL A 376 9.26 -24.62 23.52
N ARG A 377 10.51 -24.28 23.84
CA ARG A 377 10.87 -23.91 25.20
C ARG A 377 10.87 -22.40 25.42
N GLY A 378 11.48 -21.65 24.50
CA GLY A 378 11.55 -20.21 24.66
C GLY A 378 10.18 -19.56 24.67
N TRP A 379 9.29 -20.02 23.78
CA TRP A 379 7.95 -19.44 23.73
C TRP A 379 7.14 -19.80 24.96
N ARG A 380 7.33 -21.01 25.50
CA ARG A 380 6.68 -21.36 26.76
C ARG A 380 7.17 -20.47 27.90
N LYS A 381 8.48 -20.20 27.95
CA LYS A 381 9.00 -19.31 28.97
C LYS A 381 8.44 -17.90 28.81
N VAL A 382 8.32 -17.43 27.56
CA VAL A 382 7.75 -16.11 27.32
C VAL A 382 6.30 -16.06 27.79
N GLY A 383 5.53 -17.11 27.50
CA GLY A 383 4.16 -17.16 27.98
C GLY A 383 4.06 -17.17 29.49
N ALA A 384 4.94 -17.90 30.15
CA ALA A 384 4.96 -17.91 31.61
C ALA A 384 5.27 -16.53 32.17
N ALA A 385 6.26 -15.85 31.58
CA ALA A 385 6.59 -14.50 32.03
C ALA A 385 5.43 -13.54 31.81
N ILE A 386 4.73 -13.68 30.69
CA ILE A 386 3.55 -12.84 30.43
C ILE A 386 2.47 -13.09 31.46
N VAL A 387 2.20 -14.36 31.76
CA VAL A 387 1.16 -14.70 32.72
C VAL A 387 1.49 -14.15 34.10
N ARG A 388 2.76 -14.28 34.52
CA ARG A 388 3.14 -13.87 35.87
C ARG A 388 3.00 -12.36 36.06
N TRP A 389 3.46 -11.57 35.08
CA TRP A 389 3.46 -10.10 35.20
C TRP A 389 2.85 -9.49 33.94
N PRO A 390 1.52 -9.41 33.86
CA PRO A 390 0.90 -8.82 32.66
C PRO A 390 0.88 -7.29 32.66
N GLY A 391 0.72 -6.69 33.84
CA GLY A 391 0.52 -5.27 33.97
C GLY A 391 1.65 -4.41 33.43
N PRO A 392 2.84 -4.56 34.01
CA PRO A 392 3.99 -3.79 33.51
C PRO A 392 4.29 -4.05 32.04
N ILE A 393 4.11 -5.28 31.56
CA ILE A 393 4.34 -5.58 30.15
C ILE A 393 3.37 -4.77 29.28
N LEU A 394 2.09 -4.76 29.65
CA LEU A 394 1.11 -3.99 28.89
C LEU A 394 1.44 -2.51 28.92
N VAL A 395 1.82 -1.99 30.08
CA VAL A 395 2.13 -0.56 30.20
C VAL A 395 3.32 -0.20 29.32
N GLY A 396 4.37 -1.02 29.36
CA GLY A 396 5.53 -0.74 28.52
C GLY A 396 5.21 -0.80 27.04
N ALA A 397 4.41 -1.79 26.64
CA ALA A 397 4.02 -1.88 25.23
C ALA A 397 3.22 -0.66 24.79
N VAL A 398 2.29 -0.20 25.64
CA VAL A 398 1.50 0.99 25.30
C VAL A 398 2.40 2.21 25.18
N ALA A 399 3.37 2.36 26.10
CA ALA A 399 4.28 3.48 26.03
C ALA A 399 5.11 3.44 24.75
N LEU A 400 5.59 2.26 24.37
CA LEU A 400 6.35 2.13 23.13
C LEU A 400 5.48 2.47 21.92
N ALA A 401 4.21 2.08 21.94
CA ALA A 401 3.32 2.43 20.85
C ALA A 401 3.10 3.93 20.75
N LEU A 402 2.97 4.60 21.90
CA LEU A 402 2.67 6.04 21.91
C LEU A 402 3.87 6.90 21.57
N VAL A 403 5.08 6.49 21.96
CA VAL A 403 6.25 7.32 21.72
C VAL A 403 6.48 7.50 20.22
N GLY A 404 6.11 6.50 19.41
CA GLY A 404 6.20 6.67 17.97
C GLY A 404 5.24 7.70 17.43
N LEU A 405 3.99 7.69 17.93
CA LEU A 405 3.00 8.68 17.51
C LEU A 405 3.34 10.07 18.01
N LEU A 406 4.23 10.18 19.01
CA LEU A 406 4.54 11.48 19.59
C LEU A 406 5.05 12.49 18.56
N THR A 407 5.63 12.03 17.45
CA THR A 407 6.23 12.92 16.46
C THR A 407 5.24 13.39 15.40
N LEU A 408 3.95 13.44 15.72
CA LEU A 408 2.94 13.84 14.74
C LEU A 408 3.11 15.26 14.19
N PRO A 409 3.31 16.30 15.03
CA PRO A 409 3.18 17.68 14.50
C PRO A 409 4.21 18.08 13.45
N GLY A 410 5.18 17.21 13.17
CA GLY A 410 6.17 17.49 12.15
C GLY A 410 5.80 17.05 10.74
N TYR A 411 4.59 16.56 10.53
CA TYR A 411 4.20 16.03 9.23
C TYR A 411 4.07 17.16 8.21
N ARG A 412 4.53 16.88 6.99
CA ARG A 412 4.41 17.81 5.87
C ARG A 412 4.48 17.02 4.58
N THR A 413 3.61 17.33 3.63
CA THR A 413 3.48 16.56 2.40
C THR A 413 4.00 17.36 1.21
N ASN A 414 4.21 16.64 0.11
CA ASN A 414 4.69 17.21 -1.15
C ASN A 414 3.77 16.76 -2.28
N TYR A 415 3.73 17.56 -3.35
CA TYR A 415 2.75 17.36 -4.41
C TYR A 415 3.38 17.01 -5.75
N ASN A 416 4.36 17.79 -6.21
CA ASN A 416 4.90 17.60 -7.55
C ASN A 416 5.59 16.25 -7.70
N ASP A 417 5.39 15.61 -8.84
CA ASP A 417 6.00 14.32 -9.15
C ASP A 417 7.28 14.45 -9.96
N ARG A 418 7.73 15.67 -10.25
CA ARG A 418 8.90 15.84 -11.10
C ARG A 418 10.16 15.30 -10.44
N ASN A 419 10.31 15.54 -9.14
CA ASN A 419 11.49 15.10 -8.41
C ASN A 419 11.33 13.73 -7.77
N TYR A 420 10.26 13.01 -8.08
CA TYR A 420 10.07 11.64 -7.64
C TYR A 420 10.33 10.64 -8.76
N LEU A 421 11.00 11.06 -9.82
CA LEU A 421 11.29 10.25 -10.99
C LEU A 421 12.77 10.37 -11.32
N PRO A 422 13.34 9.37 -11.99
CA PRO A 422 14.75 9.47 -12.41
C PRO A 422 14.97 10.64 -13.35
N ALA A 423 16.16 11.22 -13.28
CA ALA A 423 16.50 12.42 -14.02
C ALA A 423 16.93 12.15 -15.46
N ASP A 424 16.98 10.89 -15.87
CA ASP A 424 17.37 10.55 -17.23
C ASP A 424 16.21 10.52 -18.20
N LEU A 425 14.97 10.69 -17.72
CA LEU A 425 13.82 10.67 -18.60
C LEU A 425 13.81 11.90 -19.50
N PRO A 426 13.27 11.79 -20.72
CA PRO A 426 13.27 12.94 -21.63
C PRO A 426 12.56 14.16 -21.07
N ALA A 427 11.47 13.96 -20.33
CA ALA A 427 10.75 15.10 -19.77
C ALA A 427 11.61 15.85 -18.76
N ASN A 428 12.33 15.13 -17.90
CA ASN A 428 13.19 15.79 -16.93
C ASN A 428 14.33 16.53 -17.62
N GLU A 429 14.90 15.94 -18.66
CA GLU A 429 15.95 16.61 -19.41
C GLU A 429 15.43 17.88 -20.07
N GLY A 430 14.23 17.83 -20.63
CA GLY A 430 13.64 19.03 -21.21
C GLY A 430 13.37 20.10 -20.16
N TYR A 431 12.89 19.70 -18.99
CA TYR A 431 12.69 20.65 -17.90
C TYR A 431 14.00 21.31 -17.50
N ALA A 432 15.07 20.51 -17.37
CA ALA A 432 16.37 21.07 -17.00
C ALA A 432 16.88 22.03 -18.07
N ALA A 433 16.73 21.66 -19.35
CA ALA A 433 17.17 22.54 -20.43
C ALA A 433 16.40 23.85 -20.43
N ALA A 434 15.09 23.79 -20.18
CA ALA A 434 14.30 25.02 -20.11
C ALA A 434 14.73 25.87 -18.91
N GLU A 435 14.96 25.24 -17.76
CA GLU A 435 15.34 25.99 -16.57
C GLU A 435 16.75 26.53 -16.65
N ARG A 436 17.57 26.01 -17.55
CA ARG A 436 18.93 26.55 -17.71
C ARG A 436 18.92 27.97 -18.22
N HIS A 437 17.83 28.42 -18.85
CA HIS A 437 17.77 29.78 -19.38
C HIS A 437 16.49 30.49 -18.93
N PHE A 438 15.42 29.74 -18.72
CA PHE A 438 14.13 30.27 -18.34
C PHE A 438 13.82 29.95 -16.88
N SER A 439 12.80 30.61 -16.35
CA SER A 439 12.29 30.28 -15.03
C SER A 439 11.40 29.04 -15.10
N GLN A 440 11.25 28.37 -13.96
CA GLN A 440 10.46 27.14 -13.93
C GLN A 440 9.00 27.41 -14.25
N ALA A 441 8.42 28.43 -13.63
CA ALA A 441 6.99 28.68 -13.75
C ALA A 441 6.58 29.02 -15.19
N ARG A 442 7.52 29.39 -16.04
CA ARG A 442 7.19 29.65 -17.43
C ARG A 442 6.74 28.40 -18.17
N MET A 443 7.10 27.21 -17.66
CA MET A 443 6.69 25.98 -18.32
C MET A 443 5.29 25.52 -17.96
N ASN A 444 4.66 26.12 -16.94
CA ASN A 444 3.32 25.76 -16.51
C ASN A 444 2.48 27.02 -16.38
N PRO A 445 2.06 27.61 -17.48
CA PRO A 445 1.26 28.84 -17.42
C PRO A 445 -0.18 28.57 -17.03
N GLU A 446 -0.87 29.65 -16.65
CA GLU A 446 -2.27 29.62 -16.31
C GLU A 446 -3.05 30.45 -17.32
N VAL A 447 -4.28 30.01 -17.62
CA VAL A 447 -5.14 30.68 -18.60
C VAL A 447 -6.39 31.18 -17.88
N LEU A 448 -6.69 32.46 -18.04
CA LEU A 448 -7.89 33.07 -17.47
C LEU A 448 -8.79 33.54 -18.60
N MET A 449 -10.08 33.25 -18.50
CA MET A 449 -11.05 33.75 -19.47
C MET A 449 -12.15 34.54 -18.77
N VAL A 450 -12.45 35.71 -19.32
CA VAL A 450 -13.59 36.52 -18.92
C VAL A 450 -14.55 36.58 -20.10
N GLU A 451 -15.78 36.15 -19.88
CA GLU A 451 -16.78 36.02 -20.93
C GLU A 451 -17.92 36.99 -20.69
N SER A 452 -18.24 37.79 -21.70
CA SER A 452 -19.29 38.79 -21.65
C SER A 452 -20.37 38.43 -22.69
N ASP A 453 -21.33 39.34 -22.86
CA ASP A 453 -22.47 39.11 -23.75
C ASP A 453 -22.47 39.99 -24.98
N HIS A 454 -21.45 40.83 -25.18
CA HIS A 454 -21.42 41.73 -26.32
C HIS A 454 -19.98 41.80 -26.82
N ASP A 455 -19.71 42.78 -27.69
CA ASP A 455 -18.42 42.94 -28.33
C ASP A 455 -17.58 43.97 -27.59
N MET A 456 -16.27 43.74 -27.58
CA MET A 456 -15.32 44.62 -26.90
C MET A 456 -14.61 45.59 -27.84
N ARG A 457 -15.24 45.96 -28.95
CA ARG A 457 -14.62 46.88 -29.90
C ARG A 457 -15.05 48.34 -29.64
N ASN A 458 -14.78 48.79 -28.42
CA ASN A 458 -14.89 50.20 -28.09
C ASN A 458 -14.00 50.48 -26.87
N SER A 459 -13.53 51.74 -26.79
CA SER A 459 -12.43 52.06 -25.87
C SER A 459 -12.75 51.71 -24.42
N ALA A 460 -14.04 51.73 -24.05
CA ALA A 460 -14.41 51.40 -22.68
C ALA A 460 -13.98 49.98 -22.33
N ASP A 461 -14.19 49.02 -23.24
CA ASP A 461 -13.79 47.65 -22.96
C ASP A 461 -12.28 47.47 -22.91
N PHE A 462 -11.51 48.15 -23.78
CA PHE A 462 -10.06 48.05 -23.66
C PHE A 462 -9.55 48.64 -22.36
N LEU A 463 -10.11 49.77 -21.92
CA LEU A 463 -9.67 50.30 -20.63
C LEU A 463 -10.10 49.41 -19.48
N VAL A 464 -11.25 48.75 -19.60
CA VAL A 464 -11.66 47.77 -18.60
C VAL A 464 -10.66 46.62 -18.54
N ILE A 465 -10.23 46.12 -19.70
CA ILE A 465 -9.23 45.06 -19.75
C ILE A 465 -7.92 45.52 -19.13
N ASN A 466 -7.54 46.78 -19.39
CA ASN A 466 -6.32 47.32 -18.79
C ASN A 466 -6.44 47.35 -17.26
N LYS A 467 -7.58 47.78 -16.74
CA LYS A 467 -7.79 47.80 -15.30
C LYS A 467 -7.74 46.40 -14.71
N ILE A 468 -8.36 45.44 -15.40
CA ILE A 468 -8.33 44.05 -14.92
C ILE A 468 -6.91 43.52 -14.91
N ALA A 469 -6.13 43.81 -15.96
CA ALA A 469 -4.75 43.36 -16.00
C ALA A 469 -3.93 43.98 -14.88
N LYS A 470 -4.14 45.27 -14.61
CA LYS A 470 -3.44 45.92 -13.51
C LYS A 470 -3.81 45.28 -12.18
N ALA A 471 -5.09 44.99 -11.97
CA ALA A 471 -5.51 44.33 -10.73
C ALA A 471 -4.88 42.96 -10.59
N ILE A 472 -4.81 42.20 -11.69
CA ILE A 472 -4.17 40.89 -11.65
C ILE A 472 -2.70 41.01 -11.30
N PHE A 473 -2.01 41.97 -11.92
CA PHE A 473 -0.59 42.16 -11.65
C PHE A 473 -0.34 42.67 -10.23
N ALA A 474 -1.31 43.34 -9.61
CA ALA A 474 -1.13 43.83 -8.25
C ALA A 474 -1.05 42.72 -7.22
N VAL A 475 -1.51 41.51 -7.56
CA VAL A 475 -1.49 40.41 -6.60
C VAL A 475 -0.05 39.94 -6.38
N GLU A 476 0.33 39.80 -5.12
CA GLU A 476 1.66 39.33 -4.79
C GLU A 476 1.83 37.86 -5.18
N GLY A 477 3.00 37.54 -5.73
CA GLY A 477 3.31 36.18 -6.13
C GLY A 477 3.07 35.86 -7.59
N ILE A 478 2.69 36.85 -8.39
CA ILE A 478 2.50 36.67 -9.83
C ILE A 478 3.66 37.33 -10.55
N SER A 479 4.48 36.52 -11.22
CA SER A 479 5.68 37.07 -11.85
C SER A 479 5.34 37.86 -13.11
N ARG A 480 4.45 37.34 -13.95
CA ARG A 480 4.19 37.99 -15.22
C ARG A 480 2.76 37.75 -15.68
N VAL A 481 2.22 38.74 -16.38
CA VAL A 481 0.89 38.68 -16.97
C VAL A 481 0.99 39.07 -18.45
N GLN A 482 0.28 38.34 -19.30
CA GLN A 482 0.26 38.57 -20.73
C GLN A 482 -1.17 38.78 -21.19
N ALA A 483 -1.41 39.90 -21.87
CA ALA A 483 -2.72 40.27 -22.37
C ALA A 483 -2.55 40.86 -23.76
N ILE A 484 -3.66 41.37 -24.32
CA ILE A 484 -3.62 41.96 -25.65
C ILE A 484 -2.77 43.23 -25.66
N THR A 485 -2.95 44.09 -24.65
CA THR A 485 -2.23 45.35 -24.59
C THR A 485 -0.78 45.19 -24.15
N ARG A 486 -0.43 44.06 -23.53
CA ARG A 486 0.94 43.78 -23.10
C ARG A 486 1.33 42.40 -23.62
N PRO A 487 1.66 42.29 -24.91
CA PRO A 487 2.07 40.99 -25.45
C PRO A 487 3.36 40.46 -24.86
N ASP A 488 4.20 41.32 -24.27
CA ASP A 488 5.48 40.91 -23.69
C ASP A 488 5.68 41.63 -22.37
N GLY A 489 5.32 40.95 -21.28
CA GLY A 489 5.48 41.51 -19.95
C GLY A 489 4.46 42.60 -19.64
N ASN A 698 -5.09 48.23 -38.99
CA ASN A 698 -3.70 47.81 -38.82
C ASN A 698 -3.60 46.30 -38.75
N PRO A 699 -3.20 45.67 -39.86
CA PRO A 699 -3.06 44.20 -39.86
C PRO A 699 -2.07 43.68 -38.82
N ASP A 700 -0.99 44.43 -38.56
CA ASP A 700 -0.04 44.00 -37.54
C ASP A 700 -0.69 43.91 -36.17
N PHE A 701 -1.50 44.91 -35.81
CA PHE A 701 -2.26 44.84 -34.57
C PHE A 701 -3.44 43.89 -34.67
N GLN A 702 -3.98 43.71 -35.88
CA GLN A 702 -5.11 42.80 -36.05
C GLN A 702 -4.69 41.34 -35.86
N ARG A 703 -3.42 41.02 -36.09
CA ARG A 703 -2.96 39.65 -35.92
C ARG A 703 -3.09 39.17 -34.48
N GLY A 704 -2.90 40.06 -33.49
CA GLY A 704 -3.05 39.65 -32.10
C GLY A 704 -4.50 39.43 -31.70
N LEU A 705 -5.44 40.01 -32.44
CA LEU A 705 -6.86 39.80 -32.15
C LEU A 705 -7.26 38.35 -32.35
N GLU A 706 -6.70 37.70 -33.38
CA GLU A 706 -7.02 36.30 -33.64
C GLU A 706 -6.53 35.40 -32.52
N GLN A 707 -5.51 35.82 -31.77
CA GLN A 707 -4.93 34.99 -30.72
C GLN A 707 -5.40 35.36 -29.32
N PHE A 708 -5.89 36.59 -29.11
CA PHE A 708 -6.28 37.03 -27.78
C PHE A 708 -7.78 37.23 -27.61
N LEU A 709 -8.55 37.31 -28.71
CA LEU A 709 -9.98 37.49 -28.64
C LEU A 709 -10.68 36.43 -29.47
N SER A 710 -11.89 36.08 -29.06
CA SER A 710 -12.67 35.09 -29.78
C SER A 710 -13.09 35.64 -31.15
N PRO A 711 -13.28 34.75 -32.14
CA PRO A 711 -13.74 35.24 -33.45
C PRO A 711 -15.08 35.97 -33.40
N ASP A 712 -15.97 35.54 -32.51
CA ASP A 712 -17.25 36.22 -32.35
C ASP A 712 -17.15 37.47 -31.49
N GLY A 713 -16.02 37.71 -30.84
CA GLY A 713 -15.84 38.88 -30.02
C GLY A 713 -16.75 38.92 -28.81
N HIS A 714 -16.72 37.86 -27.99
CA HIS A 714 -17.56 37.79 -26.81
C HIS A 714 -16.79 37.44 -25.54
N ALA A 715 -15.49 37.18 -25.63
CA ALA A 715 -14.71 36.82 -24.45
C ALA A 715 -13.25 37.18 -24.68
N VAL A 716 -12.51 37.30 -23.58
CA VAL A 716 -11.08 37.61 -23.62
C VAL A 716 -10.35 36.65 -22.69
N ARG A 717 -9.04 36.52 -22.92
CA ARG A 717 -8.22 35.62 -22.13
C ARG A 717 -6.89 36.28 -21.80
N PHE A 718 -6.30 35.81 -20.71
CA PHE A 718 -5.03 36.30 -20.18
C PHE A 718 -4.15 35.11 -19.80
N ILE A 719 -2.84 35.33 -19.88
CA ILE A 719 -1.85 34.31 -19.55
C ILE A 719 -1.11 34.74 -18.28
N ILE A 720 -0.96 33.81 -17.34
CA ILE A 720 -0.38 34.09 -16.04
C ILE A 720 0.84 33.21 -15.84
N SER A 721 1.94 33.80 -15.40
CA SER A 721 3.16 33.06 -15.08
C SER A 721 3.56 33.38 -13.65
N HIS A 722 3.64 32.34 -12.82
CA HIS A 722 3.94 32.50 -11.40
C HIS A 722 5.42 32.83 -11.19
N GLU A 723 5.77 33.07 -9.93
CA GLU A 723 7.15 33.31 -9.52
C GLU A 723 7.60 32.16 -8.62
N GLY A 724 8.85 31.73 -8.78
CA GLY A 724 9.30 30.59 -8.01
C GLY A 724 8.65 29.31 -8.50
N ASP A 725 8.44 28.39 -7.57
CA ASP A 725 7.80 27.13 -7.89
C ASP A 725 6.30 27.33 -8.02
N PRO A 726 5.70 27.03 -9.18
CA PRO A 726 4.25 27.19 -9.34
C PRO A 726 3.43 26.03 -8.77
N MET A 727 4.03 25.17 -7.95
CA MET A 727 3.40 23.94 -7.52
C MET A 727 3.26 23.82 -6.01
N SER A 728 3.99 24.63 -5.23
CA SER A 728 3.96 24.53 -3.78
C SER A 728 2.61 25.02 -3.25
N GLN A 729 2.49 25.04 -1.92
CA GLN A 729 1.24 25.41 -1.28
C GLN A 729 0.86 26.86 -1.57
N ALA A 730 1.86 27.74 -1.65
CA ALA A 730 1.58 29.14 -1.97
C ALA A 730 0.98 29.27 -3.37
N GLY A 731 1.52 28.52 -4.33
CA GLY A 731 0.95 28.55 -5.67
C GLY A 731 -0.47 28.06 -5.72
N ILE A 732 -0.77 27.00 -4.96
CA ILE A 732 -2.13 26.49 -4.90
C ILE A 732 -3.07 27.51 -4.27
N ALA A 733 -2.63 28.16 -3.18
CA ALA A 733 -3.46 29.14 -2.50
C ALA A 733 -3.66 30.40 -3.32
N ARG A 734 -2.73 30.72 -4.23
CA ARG A 734 -2.84 31.94 -5.01
C ARG A 734 -4.02 31.94 -5.97
N ILE A 735 -4.57 30.77 -6.29
CA ILE A 735 -5.67 30.70 -7.25
C ILE A 735 -6.91 31.39 -6.70
N ALA A 736 -7.26 31.11 -5.44
CA ALA A 736 -8.41 31.75 -4.83
C ALA A 736 -8.21 33.26 -4.75
N LYS A 737 -7.00 33.69 -4.40
CA LYS A 737 -6.72 35.12 -4.30
C LYS A 737 -6.88 35.80 -5.65
N ILE A 738 -6.35 35.19 -6.72
CA ILE A 738 -6.43 35.83 -8.03
C ILE A 738 -7.87 35.82 -8.55
N LYS A 739 -8.63 34.76 -8.26
CA LYS A 739 -10.04 34.76 -8.65
C LYS A 739 -10.81 35.85 -7.92
N THR A 740 -10.54 36.02 -6.62
CA THR A 740 -11.20 37.08 -5.86
C THR A 740 -10.82 38.45 -6.39
N ALA A 741 -9.54 38.64 -6.74
CA ALA A 741 -9.11 39.91 -7.30
C ALA A 741 -9.81 40.21 -8.62
N ALA A 742 -9.93 39.20 -9.49
CA ALA A 742 -10.64 39.39 -10.75
C ALA A 742 -12.10 39.72 -10.52
N LYS A 743 -12.74 39.03 -9.57
CA LYS A 743 -14.14 39.32 -9.26
C LYS A 743 -14.31 40.74 -8.74
N GLU A 744 -13.41 41.20 -7.87
CA GLU A 744 -13.48 42.55 -7.36
C GLU A 744 -13.27 43.57 -8.48
N ALA A 745 -12.33 43.29 -9.39
CA ALA A 745 -12.09 44.19 -10.51
C ALA A 745 -13.30 44.26 -11.44
N ILE A 746 -14.03 43.16 -11.58
CA ILE A 746 -15.23 43.17 -12.43
C ILE A 746 -16.30 44.09 -11.85
N LYS A 747 -16.41 44.13 -10.52
CA LYS A 747 -17.42 44.97 -9.88
C LYS A 747 -17.20 46.44 -10.21
N GLY A 748 -18.30 47.17 -10.39
CA GLY A 748 -18.23 48.56 -10.76
C GLY A 748 -17.96 48.84 -12.21
N THR A 749 -18.08 47.84 -13.08
CA THR A 749 -17.79 47.96 -14.49
C THR A 749 -19.01 47.52 -15.29
N PRO A 750 -19.16 48.00 -16.53
CA PRO A 750 -20.27 47.54 -17.37
C PRO A 750 -20.24 46.05 -17.67
N LEU A 751 -19.07 45.41 -17.53
CA LEU A 751 -18.94 43.98 -17.74
C LEU A 751 -19.37 43.15 -16.54
N GLU A 752 -20.14 43.73 -15.62
CA GLU A 752 -20.58 43.01 -14.43
C GLU A 752 -21.45 41.82 -14.81
N GLY A 753 -21.35 40.76 -14.03
CA GLY A 753 -22.06 39.52 -14.33
C GLY A 753 -21.35 38.63 -15.32
N SER A 754 -20.12 38.95 -15.70
CA SER A 754 -19.38 38.15 -16.66
C SER A 754 -18.95 36.82 -16.04
N ALA A 755 -18.66 35.86 -16.92
CA ALA A 755 -18.22 34.54 -16.48
C ALA A 755 -16.70 34.49 -16.38
N ILE A 756 -16.20 33.80 -15.36
CA ILE A 756 -14.78 33.71 -15.07
C ILE A 756 -14.37 32.25 -15.10
N TYR A 757 -13.30 31.95 -15.84
CA TYR A 757 -12.80 30.58 -15.93
C TYR A 757 -11.28 30.57 -15.78
N LEU A 758 -10.76 29.54 -15.11
CA LEU A 758 -9.33 29.35 -14.91
C LEU A 758 -8.91 27.96 -15.35
N GLY A 759 -7.75 27.87 -15.97
CA GLY A 759 -7.21 26.59 -16.40
C GLY A 759 -5.72 26.47 -16.20
N GLY A 760 -5.27 25.31 -15.74
CA GLY A 760 -3.86 25.08 -15.52
C GLY A 760 -3.63 23.86 -14.66
N THR A 761 -2.35 23.61 -14.37
CA THR A 761 -1.99 22.46 -13.54
C THR A 761 -2.32 22.70 -12.07
N ALA A 762 -2.05 23.91 -11.57
CA ALA A 762 -2.33 24.19 -10.17
C ALA A 762 -3.83 24.11 -9.88
N ALA A 763 -4.65 24.62 -10.80
CA ALA A 763 -6.10 24.48 -10.63
C ALA A 763 -6.52 23.02 -10.63
N MET A 764 -5.88 22.20 -11.45
CA MET A 764 -6.18 20.77 -11.45
C MET A 764 -5.83 20.14 -10.11
N PHE A 765 -4.68 20.50 -9.54
CA PHE A 765 -4.24 19.88 -8.29
C PHE A 765 -4.98 20.41 -7.07
N LYS A 766 -5.57 21.61 -7.17
CA LYS A 766 -6.30 22.15 -6.02
C LYS A 766 -7.49 21.29 -5.66
N ASP A 767 -8.23 20.79 -6.65
CA ASP A 767 -9.37 19.94 -6.36
C ASP A 767 -8.96 18.65 -5.67
N LEU A 768 -7.86 18.05 -6.13
CA LEU A 768 -7.35 16.84 -5.48
C LEU A 768 -6.94 17.13 -4.05
N SER A 769 -6.28 18.27 -3.83
CA SER A 769 -5.89 18.65 -2.48
C SER A 769 -7.11 18.83 -1.58
N ASP A 770 -8.18 19.40 -2.14
CA ASP A 770 -9.40 19.57 -1.35
C ASP A 770 -10.04 18.24 -1.00
N GLY A 771 -10.13 17.32 -1.96
CA GLY A 771 -10.84 16.08 -1.74
C GLY A 771 -10.07 14.96 -1.08
N ASN A 772 -8.75 15.09 -0.97
CA ASN A 772 -7.92 13.99 -0.48
C ASN A 772 -8.29 13.59 0.95
N THR A 773 -8.43 14.57 1.85
CA THR A 773 -8.68 14.24 3.25
C THR A 773 -10.04 13.61 3.45
N TYR A 774 -11.07 14.12 2.75
CA TYR A 774 -12.40 13.53 2.86
C TYR A 774 -12.41 12.11 2.32
N ASP A 775 -11.73 11.88 1.19
CA ASP A 775 -11.67 10.53 0.63
C ASP A 775 -10.96 9.58 1.59
N LEU A 776 -9.85 10.04 2.19
CA LEU A 776 -9.14 9.21 3.15
C LEU A 776 -10.02 8.85 4.35
N MET A 777 -10.74 9.83 4.89
CA MET A 777 -11.58 9.57 6.05
C MET A 777 -12.70 8.59 5.73
N ILE A 778 -13.38 8.80 4.59
CA ILE A 778 -14.50 7.93 4.25
C ILE A 778 -14.02 6.53 3.93
N ALA A 779 -12.84 6.40 3.31
CA ALA A 779 -12.31 5.06 3.05
C ALA A 779 -11.85 4.37 4.32
N GLY A 780 -11.34 5.12 5.29
CA GLY A 780 -10.83 4.51 6.51
C GLY A 780 -11.90 4.16 7.52
N ILE A 781 -13.02 4.87 7.52
CA ILE A 781 -14.05 4.62 8.54
C ILE A 781 -14.72 3.27 8.33
N SER A 782 -15.09 2.95 7.09
CA SER A 782 -15.90 1.76 6.85
C SER A 782 -15.09 0.47 6.96
N ALA A 783 -13.78 0.55 6.71
CA ALA A 783 -12.94 -0.64 6.77
C ALA A 783 -12.93 -1.22 8.18
N LEU A 784 -12.86 -0.35 9.20
CA LEU A 784 -12.89 -0.82 10.57
C LEU A 784 -14.17 -1.56 10.89
N CYS A 785 -15.32 -1.01 10.45
CA CYS A 785 -16.59 -1.66 10.72
C CYS A 785 -16.67 -3.02 10.02
N LEU A 786 -16.23 -3.09 8.77
CA LEU A 786 -16.29 -4.36 8.06
C LEU A 786 -15.38 -5.40 8.69
N ILE A 787 -14.17 -5.00 9.08
CA ILE A 787 -13.24 -5.92 9.73
C ILE A 787 -13.83 -6.41 11.06
N PHE A 788 -14.44 -5.50 11.83
CA PHE A 788 -15.04 -5.90 13.09
C PHE A 788 -16.18 -6.89 12.87
N ILE A 789 -17.00 -6.66 11.86
CA ILE A 789 -18.11 -7.58 11.58
C ILE A 789 -17.57 -8.95 11.20
N ILE A 790 -16.54 -8.99 10.35
CA ILE A 790 -15.98 -10.28 9.93
C ILE A 790 -15.38 -11.01 11.12
N MET A 791 -14.65 -10.30 11.98
CA MET A 791 -14.06 -10.95 13.15
C MET A 791 -15.13 -11.43 14.13
N LEU A 792 -16.22 -10.66 14.28
CA LEU A 792 -17.31 -11.11 15.13
C LEU A 792 -17.95 -12.38 14.58
N ILE A 793 -18.11 -12.45 13.26
CA ILE A 793 -18.66 -13.67 12.66
C ILE A 793 -17.73 -14.84 12.88
N THR A 794 -16.41 -14.63 12.72
CA THR A 794 -15.46 -15.73 12.80
C THR A 794 -15.32 -16.24 14.23
N THR A 795 -15.16 -15.35 15.20
CA THR A 795 -14.86 -15.75 16.57
C THR A 795 -16.08 -15.82 17.48
N ARG A 796 -17.17 -15.13 17.13
CA ARG A 796 -18.41 -15.16 17.90
C ARG A 796 -18.20 -14.67 19.33
N SER A 797 -17.57 -13.50 19.46
CA SER A 797 -17.38 -12.85 20.74
C SER A 797 -17.02 -11.39 20.50
N VAL A 798 -17.74 -10.47 21.15
CA VAL A 798 -17.58 -9.05 20.88
C VAL A 798 -16.23 -8.54 21.38
N VAL A 799 -15.85 -8.93 22.60
CA VAL A 799 -14.67 -8.34 23.24
C VAL A 799 -13.40 -8.70 22.49
N ALA A 800 -13.29 -9.95 22.03
CA ALA A 800 -12.09 -10.36 21.31
C ALA A 800 -11.93 -9.58 20.02
N ALA A 801 -13.02 -9.39 19.26
CA ALA A 801 -12.94 -8.61 18.03
C ALA A 801 -12.59 -7.16 18.33
N ALA A 802 -13.18 -6.59 19.38
CA ALA A 802 -12.86 -5.22 19.76
C ALA A 802 -11.38 -5.07 20.10
N VAL A 803 -10.83 -6.03 20.85
CA VAL A 803 -9.41 -5.98 21.20
C VAL A 803 -8.54 -6.12 19.95
N ILE A 804 -8.91 -7.04 19.06
CA ILE A 804 -8.13 -7.26 17.85
C ILE A 804 -8.07 -5.98 17.02
N VAL A 805 -9.20 -5.29 16.88
CA VAL A 805 -9.20 -4.03 16.13
C VAL A 805 -8.41 -2.96 16.87
N GLY A 806 -8.61 -2.84 18.18
CA GLY A 806 -8.03 -1.74 18.92
C GLY A 806 -6.51 -1.80 19.00
N THR A 807 -5.95 -3.01 19.11
CA THR A 807 -4.49 -3.12 19.18
C THR A 807 -3.84 -2.59 17.91
N VAL A 808 -4.38 -2.95 16.74
CA VAL A 808 -3.81 -2.47 15.49
C VAL A 808 -4.04 -0.97 15.34
N VAL A 809 -5.23 -0.50 15.74
CA VAL A 809 -5.51 0.94 15.67
C VAL A 809 -4.50 1.72 16.49
N LEU A 810 -4.16 1.22 17.68
CA LEU A 810 -3.15 1.87 18.50
C LEU A 810 -1.76 1.75 17.88
N SER A 811 -1.44 0.60 17.28
CA SER A 811 -0.12 0.37 16.75
C SER A 811 0.17 1.16 15.47
N LEU A 812 -0.87 1.68 14.81
CA LEU A 812 -0.65 2.47 13.60
C LEU A 812 0.31 3.64 13.84
N GLY A 813 0.24 4.25 15.02
CA GLY A 813 1.01 5.45 15.27
C GLY A 813 2.51 5.22 15.26
N ALA A 814 2.96 4.09 15.81
CA ALA A 814 4.39 3.79 15.81
C ALA A 814 4.93 3.65 14.39
N SER A 815 4.19 2.94 13.53
CA SER A 815 4.61 2.80 12.14
C SER A 815 4.64 4.15 11.43
N PHE A 816 3.61 4.97 11.63
CA PHE A 816 3.58 6.28 10.99
C PHE A 816 4.77 7.13 11.42
N GLY A 817 5.04 7.17 12.72
CA GLY A 817 6.14 7.96 13.23
C GLY A 817 7.50 7.47 12.73
N LEU A 818 7.68 6.14 12.71
CA LEU A 818 8.94 5.59 12.23
C LEU A 818 9.17 5.91 10.77
N SER A 819 8.13 5.76 9.94
CA SER A 819 8.28 6.08 8.52
C SER A 819 8.59 7.56 8.32
N VAL A 820 7.90 8.43 9.06
CA VAL A 820 8.17 9.87 8.93
C VAL A 820 9.60 10.19 9.35
N LEU A 821 10.06 9.58 10.45
CA LEU A 821 11.42 9.84 10.91
C LEU A 821 12.45 9.38 9.89
N ILE A 822 12.27 8.19 9.32
CA ILE A 822 13.25 7.68 8.37
C ILE A 822 13.29 8.52 7.10
N TRP A 823 12.11 8.85 6.56
CA TRP A 823 12.06 9.46 5.24
C TRP A 823 12.31 10.97 5.28
N GLN A 824 11.48 11.71 6.02
CA GLN A 824 11.51 13.16 5.94
C GLN A 824 12.77 13.76 6.57
N HIS A 825 13.12 13.30 7.77
CA HIS A 825 14.16 13.98 8.53
C HIS A 825 15.56 13.55 8.11
N ILE A 826 15.78 12.25 7.91
CA ILE A 826 17.12 11.74 7.64
C ILE A 826 17.46 11.81 6.15
N LEU A 827 16.60 11.25 5.30
CA LEU A 827 16.87 11.22 3.88
C LEU A 827 16.63 12.56 3.20
N GLY A 828 15.89 13.46 3.83
CA GLY A 828 15.65 14.77 3.26
C GLY A 828 14.58 14.83 2.20
N ILE A 829 13.78 13.78 2.03
CA ILE A 829 12.71 13.74 1.04
C ILE A 829 11.39 13.62 1.76
N GLU A 830 10.45 14.49 1.42
CA GLU A 830 9.13 14.47 2.05
C GLU A 830 8.32 13.28 1.53
N LEU A 831 7.09 13.16 2.00
CA LEU A 831 6.22 12.06 1.64
C LEU A 831 5.19 12.51 0.61
N HIS A 832 5.00 11.68 -0.41
CA HIS A 832 3.99 11.94 -1.42
C HIS A 832 2.60 11.74 -0.83
N TRP A 833 1.61 12.37 -1.46
CA TRP A 833 0.26 12.40 -0.88
C TRP A 833 -0.55 11.15 -1.15
N LEU A 834 0.01 10.15 -1.85
CA LEU A 834 -0.70 8.92 -2.15
C LEU A 834 -0.28 7.76 -1.25
N VAL A 835 0.55 8.02 -0.24
CA VAL A 835 1.18 6.94 0.51
C VAL A 835 0.28 6.42 1.63
N LEU A 836 -0.22 7.32 2.48
CA LEU A 836 -0.94 6.89 3.68
C LEU A 836 -2.22 6.15 3.32
N ALA A 837 -2.93 6.60 2.27
CA ALA A 837 -4.21 6.00 1.92
C ALA A 837 -4.06 4.52 1.59
N MET A 838 -3.07 4.17 0.77
CA MET A 838 -2.85 2.76 0.47
C MET A 838 -2.17 2.03 1.61
N ALA A 839 -1.36 2.72 2.40
CA ALA A 839 -0.60 2.04 3.45
C ALA A 839 -1.51 1.58 4.58
N VAL A 840 -2.43 2.43 5.02
CA VAL A 840 -3.19 2.16 6.23
C VAL A 840 -4.08 0.93 6.06
N ILE A 841 -4.77 0.84 4.92
CA ILE A 841 -5.72 -0.25 4.71
C ILE A 841 -4.99 -1.59 4.69
N ILE A 842 -3.88 -1.67 3.96
CA ILE A 842 -3.10 -2.90 3.91
C ILE A 842 -2.55 -3.24 5.28
N LEU A 843 -2.06 -2.25 6.00
CA LEU A 843 -1.52 -2.48 7.34
C LEU A 843 -2.57 -3.12 8.25
N LEU A 844 -3.76 -2.51 8.28
CA LEU A 844 -4.83 -3.04 9.13
C LEU A 844 -5.24 -4.44 8.72
N ALA A 845 -5.46 -4.65 7.41
CA ALA A 845 -5.95 -5.93 6.94
C ALA A 845 -4.96 -7.05 7.23
N VAL A 846 -3.67 -6.80 7.00
CA VAL A 846 -2.68 -7.84 7.26
C VAL A 846 -2.51 -8.06 8.77
N GLY A 847 -2.43 -6.96 9.54
CA GLY A 847 -2.17 -7.09 10.96
C GLY A 847 -3.28 -7.74 11.75
N ALA A 848 -4.52 -7.68 11.26
CA ALA A 848 -5.61 -8.35 11.98
C ALA A 848 -5.47 -9.87 11.93
N ASP A 849 -4.85 -10.40 10.87
CA ASP A 849 -4.84 -11.86 10.67
C ASP A 849 -4.01 -12.58 11.72
N TYR A 850 -2.87 -12.00 12.12
CA TYR A 850 -2.04 -12.66 13.13
C TYR A 850 -2.78 -12.76 14.46
N ASN A 851 -3.44 -11.68 14.88
CA ASN A 851 -4.23 -11.72 16.10
C ASN A 851 -5.37 -12.72 15.98
N LEU A 852 -6.01 -12.77 14.80
CA LEU A 852 -7.09 -13.74 14.60
C LEU A 852 -6.58 -15.17 14.76
N LEU A 853 -5.42 -15.47 14.18
CA LEU A 853 -4.87 -16.81 14.30
C LEU A 853 -4.51 -17.14 15.74
N LEU A 854 -3.91 -16.19 16.46
CA LEU A 854 -3.57 -16.42 17.85
C LEU A 854 -4.82 -16.68 18.70
N VAL A 855 -5.88 -15.89 18.47
CA VAL A 855 -7.10 -16.08 19.22
C VAL A 855 -7.74 -17.42 18.89
N ALA A 856 -7.70 -17.81 17.62
CA ALA A 856 -8.26 -19.11 17.24
C ALA A 856 -7.52 -20.26 17.91
N ARG A 857 -6.20 -20.18 17.99
CA ARG A 857 -5.43 -21.21 18.69
C ARG A 857 -5.74 -21.20 20.18
N LEU A 858 -5.85 -20.02 20.78
CA LEU A 858 -6.13 -19.94 22.21
C LEU A 858 -7.50 -20.49 22.54
N LYS A 859 -8.48 -20.30 21.66
CA LYS A 859 -9.80 -20.88 21.88
C LYS A 859 -9.75 -22.40 21.91
N GLU A 860 -8.93 -23.00 21.04
CA GLU A 860 -8.74 -24.45 21.08
C GLU A 860 -8.07 -24.88 22.37
N GLU A 861 -7.05 -24.15 22.80
CA GLU A 861 -6.23 -24.59 23.93
C GLU A 861 -6.79 -24.21 25.30
N ILE A 862 -7.83 -23.38 25.36
CA ILE A 862 -8.32 -22.88 26.64
C ILE A 862 -9.07 -23.93 27.45
N HIS A 863 -9.42 -25.07 26.83
CA HIS A 863 -10.34 -26.00 27.49
C HIS A 863 -9.79 -26.56 28.79
N ALA A 864 -8.47 -26.55 28.97
CA ALA A 864 -7.84 -27.07 30.18
C ALA A 864 -7.54 -25.98 31.21
N GLY A 865 -7.94 -24.74 30.93
CA GLY A 865 -7.64 -23.63 31.83
C GLY A 865 -6.97 -22.48 31.11
N ILE A 866 -7.32 -21.25 31.48
CA ILE A 866 -6.80 -20.09 30.77
C ILE A 866 -5.29 -19.97 30.96
N ASN A 867 -4.81 -20.14 32.18
CA ASN A 867 -3.39 -19.95 32.46
C ASN A 867 -2.53 -20.95 31.69
N THR A 868 -2.94 -22.22 31.68
CA THR A 868 -2.21 -23.21 30.89
C THR A 868 -2.51 -23.08 29.41
N GLY A 869 -3.71 -22.64 29.06
CA GLY A 869 -4.06 -22.48 27.66
C GLY A 869 -3.20 -21.44 26.96
N ILE A 870 -2.94 -20.31 27.64
CA ILE A 870 -2.10 -19.28 27.05
C ILE A 870 -0.69 -19.82 26.80
N ILE A 871 -0.12 -20.53 27.78
CA ILE A 871 1.23 -21.06 27.63
C ILE A 871 1.28 -22.06 26.48
N ARG A 872 0.31 -22.97 26.43
CA ARG A 872 0.31 -23.98 25.37
C ARG A 872 0.15 -23.35 24.00
N ALA A 873 -0.74 -22.37 23.87
CA ALA A 873 -0.94 -21.71 22.58
C ALA A 873 0.31 -20.96 22.14
N MET A 874 0.95 -20.25 23.07
CA MET A 874 2.17 -19.53 22.74
C MET A 874 3.28 -20.48 22.32
N GLY A 875 3.39 -21.62 23.01
CA GLY A 875 4.39 -22.60 22.63
C GLY A 875 4.11 -23.24 21.28
N GLY A 876 2.84 -23.48 20.97
CA GLY A 876 2.49 -24.19 19.75
C GLY A 876 2.40 -23.33 18.50
N SER A 877 2.17 -22.03 18.64
CA SER A 877 2.01 -21.15 17.49
C SER A 877 2.86 -19.90 17.64
N GLY A 878 4.11 -20.08 18.02
CA GLY A 878 5.02 -18.96 18.18
C GLY A 878 5.92 -18.71 16.99
N SER A 879 6.58 -19.77 16.51
CA SER A 879 7.56 -19.61 15.44
C SER A 879 6.91 -19.43 14.07
N VAL A 880 5.75 -20.04 13.84
CA VAL A 880 5.11 -19.97 12.53
C VAL A 880 4.73 -18.54 12.19
N VAL A 881 4.11 -17.84 13.13
CA VAL A 881 3.70 -16.45 12.89
C VAL A 881 4.92 -15.56 12.70
N THR A 882 5.99 -15.83 13.46
CA THR A 882 7.22 -15.05 13.30
C THR A 882 7.80 -15.23 11.90
N ALA A 883 7.90 -16.48 11.43
CA ALA A 883 8.43 -16.72 10.10
C ALA A 883 7.57 -16.06 9.04
N ALA A 884 6.25 -16.18 9.17
CA ALA A 884 5.36 -15.56 8.19
C ALA A 884 5.52 -14.04 8.18
N GLY A 885 5.59 -13.43 9.36
CA GLY A 885 5.73 -11.98 9.43
C GLY A 885 7.02 -11.48 8.82
N LEU A 886 8.14 -12.13 9.15
CA LEU A 886 9.42 -11.73 8.56
C LEU A 886 9.43 -11.94 7.06
N VAL A 887 8.87 -13.06 6.58
CA VAL A 887 8.83 -13.29 5.14
C VAL A 887 8.03 -12.21 4.44
N PHE A 888 6.85 -11.89 4.97
CA PHE A 888 5.97 -10.92 4.34
C PHE A 888 6.61 -9.53 4.34
N ALA A 889 7.20 -9.14 5.48
CA ALA A 889 7.83 -7.83 5.59
C ALA A 889 9.03 -7.71 4.66
N PHE A 890 9.86 -8.74 4.58
CA PHE A 890 11.03 -8.68 3.71
C PHE A 890 10.63 -8.73 2.23
N THR A 891 9.50 -9.37 1.91
CA THR A 891 9.00 -9.29 0.54
C THR A 891 8.53 -7.88 0.21
N MET A 892 7.80 -7.25 1.14
CA MET A 892 7.32 -5.89 0.88
C MET A 892 8.44 -4.85 0.91
N MET A 893 9.56 -5.15 1.57
CA MET A 893 10.67 -4.22 1.63
C MET A 893 11.56 -4.26 0.39
N SER A 894 11.23 -5.08 -0.60
CA SER A 894 12.01 -5.16 -1.83
C SER A 894 11.64 -4.07 -2.83
N PHE A 895 10.71 -3.19 -2.49
CA PHE A 895 10.33 -2.09 -3.37
C PHE A 895 11.41 -1.02 -3.48
N ALA A 896 12.45 -1.09 -2.65
CA ALA A 896 13.49 -0.06 -2.69
C ALA A 896 14.23 -0.04 -4.02
N VAL A 897 14.31 -1.19 -4.69
CA VAL A 897 14.99 -1.25 -5.99
C VAL A 897 14.19 -0.58 -7.09
N SER A 898 12.91 -0.32 -6.86
CA SER A 898 12.07 0.32 -7.87
C SER A 898 12.55 1.74 -8.15
N GLU A 899 12.34 2.18 -9.39
CA GLU A 899 12.67 3.54 -9.78
C GLU A 899 11.51 4.51 -9.65
N LEU A 900 10.38 4.05 -9.12
CA LEU A 900 9.29 4.93 -8.68
C LEU A 900 9.39 5.02 -7.15
N THR A 901 9.85 6.17 -6.66
CA THR A 901 10.12 6.31 -5.24
C THR A 901 8.85 6.21 -4.40
N VAL A 902 7.68 6.46 -4.98
CA VAL A 902 6.43 6.26 -4.25
C VAL A 902 6.27 4.79 -3.88
N MET A 903 6.59 3.89 -4.81
CA MET A 903 6.54 2.47 -4.52
C MET A 903 7.49 2.10 -3.40
N ALA A 904 8.70 2.65 -3.43
CA ALA A 904 9.66 2.37 -2.36
C ALA A 904 9.16 2.88 -1.02
N GLN A 905 8.57 4.08 -0.99
CA GLN A 905 8.04 4.62 0.25
C GLN A 905 6.94 3.73 0.82
N VAL A 906 6.00 3.32 -0.04
CA VAL A 906 4.90 2.47 0.43
C VAL A 906 5.43 1.14 0.95
N GLY A 907 6.32 0.51 0.20
CA GLY A 907 6.86 -0.78 0.61
C GLY A 907 7.61 -0.69 1.92
N THR A 908 8.49 0.30 2.06
CA THR A 908 9.26 0.42 3.29
C THR A 908 8.36 0.72 4.48
N THR A 909 7.37 1.61 4.31
CA THR A 909 6.46 1.93 5.40
C THR A 909 5.73 0.67 5.87
N ILE A 910 5.21 -0.11 4.94
CA ILE A 910 4.54 -1.37 5.31
C ILE A 910 5.53 -2.30 6.00
N GLY A 911 6.79 -2.31 5.53
CA GLY A 911 7.78 -3.19 6.12
C GLY A 911 8.05 -2.89 7.57
N MET A 912 8.35 -1.63 7.90
CA MET A 912 8.62 -1.31 9.30
C MET A 912 7.36 -1.46 10.15
N GLY A 913 6.21 -1.06 9.61
CA GLY A 913 4.98 -1.21 10.38
C GLY A 913 4.70 -2.65 10.76
N LEU A 914 4.89 -3.56 9.82
CA LEU A 914 4.60 -4.96 10.12
C LEU A 914 5.70 -5.61 10.94
N LEU A 915 6.95 -5.14 10.83
CA LEU A 915 7.97 -5.60 11.75
C LEU A 915 7.60 -5.25 13.19
N PHE A 916 7.17 -4.01 13.41
CA PHE A 916 6.73 -3.61 14.74
C PHE A 916 5.51 -4.41 15.19
N ASP A 917 4.57 -4.65 14.27
CA ASP A 917 3.36 -5.40 14.62
C ASP A 917 3.70 -6.83 15.03
N THR A 918 4.60 -7.49 14.29
CA THR A 918 4.91 -8.89 14.55
C THR A 918 5.93 -9.08 15.67
N LEU A 919 6.64 -8.03 16.08
CA LEU A 919 7.61 -8.17 17.16
C LEU A 919 7.06 -7.79 18.54
N ILE A 920 6.08 -6.89 18.61
CA ILE A 920 5.62 -6.39 19.89
C ILE A 920 4.13 -6.64 20.09
N VAL A 921 3.32 -6.16 19.15
CA VAL A 921 1.86 -6.16 19.35
C VAL A 921 1.33 -7.59 19.46
N ARG A 922 1.78 -8.48 18.56
CA ARG A 922 1.23 -9.82 18.52
C ARG A 922 1.65 -10.64 19.74
N SER A 923 2.86 -10.42 20.25
CA SER A 923 3.43 -11.31 21.26
C SER A 923 3.31 -10.79 22.68
N PHE A 924 3.12 -9.48 22.89
CA PHE A 924 3.17 -8.92 24.23
C PHE A 924 1.93 -8.12 24.64
N MET A 925 1.01 -7.84 23.72
CA MET A 925 -0.19 -7.07 24.06
C MET A 925 -1.43 -7.94 24.14
N THR A 926 -1.75 -8.69 23.08
CA THR A 926 -2.96 -9.51 23.10
C THR A 926 -2.95 -10.57 24.18
N PRO A 927 -1.90 -11.40 24.34
CA PRO A 927 -1.92 -12.36 25.46
C PRO A 927 -1.98 -11.70 26.82
N SER A 928 -1.32 -10.56 26.99
CA SER A 928 -1.36 -9.85 28.27
C SER A 928 -2.78 -9.37 28.56
N ILE A 929 -3.45 -8.80 27.56
CA ILE A 929 -4.82 -8.34 27.76
C ILE A 929 -5.74 -9.51 28.07
N ALA A 930 -5.57 -10.63 27.37
CA ALA A 930 -6.41 -11.80 27.63
C ALA A 930 -6.21 -12.30 29.05
N ALA A 931 -4.96 -12.42 29.49
CA ALA A 931 -4.70 -12.90 30.84
C ALA A 931 -5.23 -11.94 31.90
N LEU A 932 -5.11 -10.63 31.65
CA LEU A 932 -5.62 -9.64 32.61
C LEU A 932 -7.14 -9.69 32.69
N LEU A 933 -7.81 -9.83 31.56
CA LEU A 933 -9.27 -9.81 31.56
C LEU A 933 -9.87 -11.10 32.10
N GLY A 934 -9.28 -12.25 31.77
CA GLY A 934 -9.82 -13.50 32.28
C GLY A 934 -11.01 -14.00 31.49
N LYS A 935 -12.04 -14.47 32.20
CA LYS A 935 -13.19 -15.07 31.53
C LYS A 935 -14.09 -14.04 30.84
N TRP A 936 -13.90 -12.75 31.11
CA TRP A 936 -14.67 -11.72 30.42
C TRP A 936 -14.23 -11.55 28.97
N PHE A 937 -13.12 -12.16 28.58
CA PHE A 937 -12.63 -12.05 27.20
C PHE A 937 -13.55 -12.74 26.21
N TRP A 938 -14.39 -13.67 26.65
CA TRP A 938 -15.22 -14.49 25.77
C TRP A 938 -16.71 -14.21 25.94
N TRP A 939 -17.06 -12.99 26.32
CA TRP A 939 -18.46 -12.62 26.39
C TRP A 939 -19.06 -12.63 24.98
N PRO A 940 -20.31 -13.09 24.81
CA PRO A 940 -21.25 -13.55 25.84
C PRO A 940 -21.18 -15.04 26.16
N GLN A 941 -20.20 -15.75 25.62
CA GLN A 941 -20.05 -17.16 25.96
C GLN A 941 -19.60 -17.31 27.41
N VAL A 942 -19.88 -18.48 27.98
CA VAL A 942 -19.58 -18.77 29.37
C VAL A 942 -18.44 -19.77 29.43
N VAL A 943 -17.39 -19.43 30.19
CA VAL A 943 -16.24 -20.29 30.39
C VAL A 943 -15.84 -20.25 31.86
N ARG A 944 -15.05 -21.23 32.26
CA ARG A 944 -14.56 -21.34 33.64
C ARG A 944 -13.05 -21.22 33.66
N GLN A 945 -12.51 -20.66 34.74
CA GLN A 945 -11.07 -20.47 34.84
C GLN A 945 -10.39 -21.68 35.46
N ARG A 946 -10.91 -22.18 36.58
CA ARG A 946 -10.41 -23.41 37.18
C ARG A 946 -11.38 -24.55 36.87
N PRO A 947 -11.01 -25.51 36.04
CA PRO A 947 -11.94 -26.58 35.61
C PRO A 947 -12.05 -27.79 36.53
N ILE A 948 -12.82 -27.64 37.60
CA ILE A 948 -13.20 -28.73 38.50
C ILE A 948 -11.96 -29.48 39.00
N PRO A 949 -11.23 -28.93 39.96
CA PRO A 949 -9.97 -29.56 40.40
C PRO A 949 -10.16 -31.01 40.81
N GLN A 950 -9.18 -31.85 40.45
CA GLN A 950 -9.19 -33.29 40.61
C GLN A 950 -8.25 -33.72 41.74
N PRO A 951 -8.50 -34.88 42.35
CA PRO A 951 -7.60 -35.37 43.40
C PRO A 951 -6.29 -35.88 42.82
N TRP A 952 -5.34 -36.12 43.71
CA TRP A 952 -4.04 -36.63 43.30
C TRP A 952 -4.18 -38.05 42.73
N PRO A 953 -3.39 -38.41 41.73
CA PRO A 953 -3.44 -39.75 41.13
C PRO A 953 -2.90 -40.83 42.07
N ALA B 2 -6.18 -39.22 52.86
CA ALA B 2 -5.77 -37.94 52.30
C ALA B 2 -4.84 -38.13 51.11
N ALA B 3 -3.73 -37.39 51.11
CA ALA B 3 -2.74 -37.45 50.04
C ALA B 3 -1.46 -38.08 50.56
N THR B 4 -0.96 -39.08 49.87
CA THR B 4 0.26 -39.77 50.23
C THR B 4 1.43 -39.23 49.41
N GLN B 5 2.64 -39.65 49.80
CA GLN B 5 3.85 -39.20 49.11
C GLN B 5 3.86 -39.67 47.66
N GLU B 6 3.45 -40.93 47.43
CA GLU B 6 3.57 -41.51 46.10
C GLU B 6 2.72 -40.77 45.08
N GLU B 7 1.49 -40.41 45.45
CA GLU B 7 0.59 -39.72 44.51
C GLU B 7 1.15 -38.36 44.13
N ILE B 8 1.62 -37.58 45.11
CA ILE B 8 2.18 -36.28 44.83
C ILE B 8 3.44 -36.40 43.97
N ILE B 9 4.28 -37.39 44.27
CA ILE B 9 5.49 -37.60 43.49
C ILE B 9 5.14 -37.95 42.05
N ALA B 10 4.14 -38.82 41.85
CA ALA B 10 3.74 -39.20 40.50
C ALA B 10 3.20 -38.00 39.72
N GLY B 11 2.35 -37.19 40.36
CA GLY B 11 1.83 -36.01 39.68
C GLY B 11 2.91 -35.03 39.32
N LEU B 12 3.82 -34.76 40.26
CA LEU B 12 4.92 -33.84 39.98
C LEU B 12 5.82 -34.38 38.89
N ALA B 13 6.07 -35.69 38.87
CA ALA B 13 6.88 -36.29 37.82
C ALA B 13 6.21 -36.16 36.46
N GLU B 14 4.88 -36.35 36.40
CA GLU B 14 4.18 -36.13 35.14
C GLU B 14 4.31 -34.68 34.68
N ILE B 15 4.20 -33.73 35.62
CA ILE B 15 4.34 -32.32 35.25
C ILE B 15 5.75 -32.05 34.73
N ILE B 16 6.77 -32.59 35.39
CA ILE B 16 8.15 -32.39 34.96
C ILE B 16 8.36 -32.97 33.57
N GLU B 17 7.85 -34.18 33.34
CA GLU B 17 7.99 -34.81 32.03
C GLU B 17 7.31 -33.99 30.95
N GLU B 18 6.13 -33.44 31.25
CA GLU B 18 5.44 -32.61 30.27
C GLU B 18 6.22 -31.33 29.98
N VAL B 19 6.82 -30.73 31.01
CA VAL B 19 7.45 -29.42 30.84
C VAL B 19 8.82 -29.55 30.20
N THR B 20 9.74 -30.24 30.88
CA THR B 20 11.13 -30.28 30.46
C THR B 20 11.53 -31.56 29.73
N GLY B 21 10.67 -32.57 29.72
CA GLY B 21 10.95 -33.79 28.99
C GLY B 21 11.79 -34.81 29.72
N ILE B 22 12.14 -34.59 30.98
CA ILE B 22 12.92 -35.55 31.75
C ILE B 22 12.02 -36.73 32.12
N GLU B 23 12.58 -37.93 32.02
CA GLU B 23 11.81 -39.14 32.28
C GLU B 23 11.33 -39.14 33.74
N PRO B 24 10.08 -39.52 33.99
CA PRO B 24 9.56 -39.52 35.36
C PRO B 24 10.25 -40.51 36.30
N SER B 25 11.01 -41.47 35.76
CA SER B 25 11.68 -42.44 36.60
C SER B 25 12.96 -41.90 37.25
N GLU B 26 13.37 -40.67 36.90
CA GLU B 26 14.62 -40.11 37.38
C GLU B 26 14.43 -38.97 38.37
N VAL B 27 13.29 -38.93 39.07
CA VAL B 27 13.01 -37.91 40.07
C VAL B 27 12.87 -38.57 41.44
N THR B 28 13.61 -38.07 42.41
CA THR B 28 13.54 -38.53 43.78
C THR B 28 13.52 -37.30 44.68
N PRO B 29 12.97 -37.42 45.90
CA PRO B 29 12.89 -36.23 46.77
C PRO B 29 14.24 -35.63 47.13
N GLU B 30 15.32 -36.42 47.09
CA GLU B 30 16.62 -35.91 47.48
C GLU B 30 17.24 -35.00 46.41
N LYS B 31 16.84 -35.15 45.16
CA LYS B 31 17.43 -34.38 44.08
C LYS B 31 17.03 -32.91 44.17
N SER B 32 17.84 -32.06 43.54
CA SER B 32 17.64 -30.62 43.55
C SER B 32 17.20 -30.14 42.17
N PHE B 33 16.39 -29.08 42.17
CA PHE B 33 15.83 -28.56 40.92
C PHE B 33 16.88 -27.91 40.05
N VAL B 34 17.71 -27.04 40.63
CA VAL B 34 18.63 -26.23 39.83
C VAL B 34 20.01 -26.85 39.73
N ASP B 35 20.50 -27.47 40.81
CA ASP B 35 21.84 -28.05 40.78
C ASP B 35 21.90 -29.36 40.01
N ASP B 36 20.83 -30.15 40.04
CA ASP B 36 20.80 -31.46 39.40
C ASP B 36 19.77 -31.52 38.28
N LEU B 37 18.52 -31.18 38.56
CA LEU B 37 17.46 -31.30 37.56
C LEU B 37 17.55 -30.26 36.45
N ASP B 38 18.37 -29.23 36.62
CA ASP B 38 18.55 -28.17 35.61
C ASP B 38 17.22 -27.52 35.27
N ILE B 39 16.64 -26.85 36.28
CA ILE B 39 15.36 -26.19 36.16
C ILE B 39 15.55 -24.70 36.45
N ASP B 40 15.08 -23.85 35.55
CA ASP B 40 15.20 -22.41 35.71
C ASP B 40 14.00 -21.87 36.50
O 4HH B 41 10.64 -20.11 37.36
C 4HH B 41 11.73 -19.89 36.82
CA 4HH B 41 13.03 -19.94 37.62
N 4HH B 41 14.10 -20.58 36.85
CB 4HH B 41 13.46 -18.55 38.04
OG 4HH B 41 13.85 -17.77 36.93
CJ 4HH B 41 14.04 -14.09 37.45
CK 4HH B 41 12.82 -13.38 38.01
CL1 4HH B 41 11.69 -14.40 38.18
CL2 4HH B 41 12.37 -12.30 37.02
CL3 4HH B 41 12.13 -11.68 39.74
CM 4HH B 41 13.16 -12.74 39.36
OM 4HH B 41 14.42 -12.15 39.28
NN 4HH B 41 12.46 -10.27 39.61
ON 4HH B 41 11.06 -11.99 40.15
P 4HH B 41 14.83 -16.58 37.22
O1P 4HH B 41 15.81 -17.37 37.97
O2P 4HH B 41 15.53 -16.17 36.02
O3P 4HH B 41 14.18 -15.33 38.08
CO 4HH B 41 11.47 -9.25 39.97
CP 4HH B 41 11.53 -8.10 38.97
CQ 4HH B 41 10.16 -7.95 38.31
CS 4HH B 41 8.76 -7.29 36.33
CT 4HH B 41 8.93 -7.22 34.82
NR 4HH B 41 10.07 -7.43 36.96
OR 4HH B 41 9.18 -8.24 38.90
SU 4HH B 41 9.51 -5.57 34.34
N LEU B 42 11.81 -19.58 35.51
CA LEU B 42 10.63 -19.58 34.68
C LEU B 42 9.99 -20.96 34.60
N SER B 43 10.82 -22.01 34.58
CA SER B 43 10.29 -23.36 34.66
C SER B 43 9.57 -23.59 35.98
N MET B 44 10.09 -23.04 37.07
CA MET B 44 9.40 -23.15 38.36
C MET B 44 8.04 -22.45 38.30
N VAL B 45 7.98 -21.29 37.65
CA VAL B 45 6.70 -20.59 37.51
C VAL B 45 5.72 -21.42 36.69
N GLU B 46 6.21 -22.04 35.61
CA GLU B 46 5.37 -22.92 34.81
C GLU B 46 4.83 -24.08 35.64
N ILE B 47 5.69 -24.70 36.44
CA ILE B 47 5.28 -25.81 37.29
C ILE B 47 4.22 -25.37 38.28
N ALA B 48 4.43 -24.21 38.92
CA ALA B 48 3.47 -23.72 39.88
C ALA B 48 2.12 -23.44 39.23
N VAL B 49 2.11 -22.81 38.05
CA VAL B 49 0.86 -22.51 37.37
C VAL B 49 0.13 -23.79 37.00
N GLN B 50 0.87 -24.76 36.43
CA GLN B 50 0.24 -25.99 35.98
C GLN B 50 -0.31 -26.80 37.15
N THR B 51 0.42 -26.84 38.27
CA THR B 51 -0.09 -27.57 39.43
C THR B 51 -1.21 -26.81 40.14
N GLU B 52 -1.30 -25.50 39.96
CA GLU B 52 -2.43 -24.76 40.50
C GLU B 52 -3.69 -25.00 39.68
N ASP B 53 -3.57 -25.07 38.35
CA ASP B 53 -4.75 -25.25 37.52
C ASP B 53 -5.33 -26.66 37.65
N LYS B 54 -4.47 -27.69 37.58
CA LYS B 54 -4.97 -29.05 37.50
C LYS B 54 -5.54 -29.54 38.83
N TYR B 55 -4.83 -29.28 39.93
CA TYR B 55 -5.21 -29.79 41.25
C TYR B 55 -5.61 -28.68 42.21
N GLY B 56 -4.84 -27.61 42.25
CA GLY B 56 -5.17 -26.44 43.05
C GLY B 56 -4.31 -26.29 44.29
N VAL B 57 -3.25 -25.49 44.17
CA VAL B 57 -2.36 -25.14 45.27
C VAL B 57 -1.82 -23.75 44.98
N LYS B 58 -1.92 -22.86 45.96
CA LYS B 58 -1.45 -21.49 45.81
C LYS B 58 -0.10 -21.35 46.52
N ILE B 59 0.96 -21.20 45.74
CA ILE B 59 2.31 -21.03 46.25
C ILE B 59 2.82 -19.65 45.82
N PRO B 60 2.81 -18.68 46.73
CA PRO B 60 3.38 -17.37 46.38
C PRO B 60 4.88 -17.46 46.12
N ASP B 61 5.37 -16.57 45.27
CA ASP B 61 6.79 -16.60 44.92
C ASP B 61 7.71 -16.27 46.08
N GLU B 62 7.19 -15.56 47.10
CA GLU B 62 8.03 -15.15 48.23
C GLU B 62 8.66 -16.35 48.92
N ASP B 63 7.85 -17.33 49.28
CA ASP B 63 8.37 -18.56 49.87
C ASP B 63 8.71 -19.62 48.83
N LEU B 64 8.34 -19.40 47.56
CA LEU B 64 8.76 -20.29 46.49
C LEU B 64 10.21 -20.08 46.11
N ALA B 65 10.77 -18.89 46.37
CA ALA B 65 12.17 -18.64 46.04
C ALA B 65 13.10 -19.57 46.80
N GLY B 66 12.83 -19.80 48.09
CA GLY B 66 13.65 -20.67 48.90
C GLY B 66 13.35 -22.15 48.77
N LEU B 67 12.38 -22.52 47.94
CA LEU B 67 11.98 -23.92 47.76
C LEU B 67 12.94 -24.54 46.75
N ARG B 68 13.78 -25.48 47.21
CA ARG B 68 14.90 -25.97 46.42
C ARG B 68 14.75 -27.42 45.97
N THR B 69 14.44 -28.34 46.86
CA THR B 69 14.39 -29.76 46.51
C THR B 69 12.96 -30.19 46.18
N VAL B 70 12.75 -31.49 46.07
CA VAL B 70 11.41 -32.03 45.90
C VAL B 70 10.80 -32.43 47.24
N GLY B 71 11.64 -32.82 48.20
CA GLY B 71 11.13 -33.21 49.51
C GLY B 71 10.43 -32.07 50.22
N ASP B 72 11.03 -30.88 50.20
CA ASP B 72 10.36 -29.73 50.79
C ASP B 72 9.10 -29.36 50.00
N VAL B 73 9.11 -29.58 48.69
CA VAL B 73 7.91 -29.32 47.88
C VAL B 73 6.76 -30.20 48.36
N VAL B 74 7.01 -31.51 48.47
CA VAL B 74 5.94 -32.42 48.88
C VAL B 74 5.55 -32.18 50.34
N ALA B 75 6.52 -31.80 51.19
CA ALA B 75 6.17 -31.45 52.57
C ALA B 75 5.24 -30.25 52.62
N TYR B 76 5.54 -29.21 51.83
CA TYR B 76 4.66 -28.04 51.78
C TYR B 76 3.28 -28.43 51.24
N ILE B 77 3.26 -29.26 50.20
CA ILE B 77 1.98 -29.65 49.60
C ILE B 77 1.12 -30.40 50.62
N GLN B 78 1.71 -31.36 51.34
CA GLN B 78 0.93 -32.13 52.31
C GLN B 78 0.55 -31.28 53.52
N LYS B 79 1.41 -30.33 53.92
CA LYS B 79 1.05 -29.43 55.01
C LYS B 79 -0.15 -28.58 54.63
N LEU B 80 -0.16 -28.06 53.41
CA LEU B 80 -1.27 -27.22 52.97
C LEU B 80 -2.54 -28.03 52.78
N GLU B 81 -2.42 -29.25 52.26
CA GLU B 81 -3.60 -30.04 51.91
C GLU B 81 -4.20 -30.73 53.14
N GLU B 82 -3.42 -31.56 53.82
CA GLU B 82 -3.95 -32.36 54.92
C GLU B 82 -4.44 -31.47 56.05
N GLU B 83 -3.68 -30.42 56.40
CA GLU B 83 -4.09 -29.47 57.44
C GLU B 83 -5.00 -28.43 56.80
N ASN B 84 -6.27 -28.78 56.69
CA ASN B 84 -7.25 -27.90 56.07
C ASN B 84 -7.54 -26.70 56.96
N PRO B 85 -7.32 -25.46 56.50
CA PRO B 85 -7.61 -24.26 57.28
C PRO B 85 -9.10 -24.06 57.52
#